data_5BUR
#
_entry.id   5BUR
#
_cell.length_a   121.835
_cell.length_b   121.835
_cell.length_c   97.801
_cell.angle_alpha   90.00
_cell.angle_beta   90.00
_cell.angle_gamma   90.00
#
_symmetry.space_group_name_H-M   'P 43'
#
loop_
_entity.id
_entity.type
_entity.pdbx_description
1 polymer '2-succinylbenzoate--CoA ligase'
2 non-polymer 'CHLORIDE ION'
3 non-polymer GLYCEROL
4 non-polymer 'MAGNESIUM ION'
5 non-polymer "ADENOSINE-5'-TRIPHOSPHATE"
6 non-polymer 1,2-ETHANEDIOL
7 water water
#
_entity_poly.entity_id   1
_entity_poly.type   'polypeptide(L)'
_entity_poly.pdbx_seq_one_letter_code
;MGMLTEQPNWLMQRAQLTPERIALIYEDQTVTFAELFAASKRMAEQLAAHSVRKGDTAAILLQNRAEMVYAVHACFLLGV
KAVLLNTKLSTHERLFQLEDSGSGFLLTDSSFEKKEYEHIVQTIDVDELMKEAAEEIEIEAYMQMDATATLMYTSGTTGK
PKGVQQTFGNHYFSAVSSALNLGITEQDRWLIALPLFHISGLSALFKSVIYGMTVVLHQRFSVSDVLHSINRHEVTMISA
VQTMLASLLEETNRCPESIRCILLGGGPAPLPLLEECREKGFPVFQSYGMTETCSQIVTLSPEFSMEKLGSAGKPLFSCE
IKIERDGQVCEPYEHGEIMVKGPNVMKSYFNRESANEASFQNGWLKTGDLGYLDNEGFLYVLDRRSDLIISGGENIYPAE
VESVLLSHPAVAEAGVSGAEDKKWGKVPHAYLVLHKPVSAGELTDYCKERLAKYKIPAKFFVLDRLPRNASNKLLRNQLK
DARKGELLHHHHHH
;
_entity_poly.pdbx_strand_id   A,B
#
# COMPACT_ATOMS: atom_id res chain seq x y z
N THR A 5 15.80 4.97 -0.46
CA THR A 5 16.47 4.35 -1.60
C THR A 5 16.78 2.89 -1.29
N GLU A 6 16.94 2.54 -0.01
CA GLU A 6 17.15 1.13 0.34
C GLU A 6 16.45 0.70 1.65
N GLN A 7 16.02 -0.56 1.66
CA GLN A 7 15.40 -1.18 2.83
C GLN A 7 16.08 -2.50 3.13
N PRO A 8 16.13 -2.86 4.42
CA PRO A 8 16.50 -4.22 4.80
C PRO A 8 15.58 -5.25 4.16
N ASN A 9 16.17 -6.31 3.61
CA ASN A 9 15.45 -7.47 3.11
C ASN A 9 14.26 -7.83 3.98
N TRP A 10 13.06 -7.75 3.40
CA TRP A 10 11.82 -7.90 4.15
C TRP A 10 11.69 -9.25 4.86
N LEU A 11 12.28 -10.30 4.30
CA LEU A 11 12.22 -11.64 4.91
C LEU A 11 13.15 -11.71 6.11
N MET A 12 14.41 -11.34 5.89
CA MET A 12 15.36 -11.22 6.99
C MET A 12 14.75 -10.44 8.12
N GLN A 13 14.34 -9.20 7.84
CA GLN A 13 13.88 -8.34 8.91
C GLN A 13 12.64 -8.91 9.57
N ARG A 14 11.73 -9.48 8.78
CA ARG A 14 10.54 -10.08 9.35
C ARG A 14 10.95 -11.23 10.26
N ALA A 15 12.01 -11.95 9.86
CA ALA A 15 12.53 -13.04 10.66
C ALA A 15 13.13 -12.51 11.95
N GLN A 16 13.75 -11.34 11.89
CA GLN A 16 14.33 -10.73 13.08
C GLN A 16 13.26 -10.21 14.05
N LEU A 17 12.15 -9.72 13.51
CA LEU A 17 11.16 -9.08 14.38
C LEU A 17 10.16 -10.04 14.98
N THR A 18 9.51 -10.83 14.14
CA THR A 18 8.48 -11.75 14.61
C THR A 18 8.80 -13.14 14.07
N PRO A 19 9.75 -13.83 14.69
CA PRO A 19 10.36 -15.03 14.10
C PRO A 19 9.45 -16.26 14.17
N GLU A 20 8.43 -16.21 15.03
CA GLU A 20 7.62 -17.39 15.28
C GLU A 20 6.19 -17.25 14.73
N ARG A 21 5.92 -16.17 14.02
CA ARG A 21 4.65 -16.06 13.31
C ARG A 21 4.64 -17.06 12.16
N ILE A 22 3.46 -17.56 11.81
CA ILE A 22 3.35 -18.47 10.69
C ILE A 22 3.48 -17.70 9.39
N ALA A 23 4.48 -18.05 8.57
CA ALA A 23 4.65 -17.44 7.26
C ALA A 23 3.74 -18.11 6.26
N LEU A 24 4.03 -19.39 6.09
CA LEU A 24 3.38 -20.25 5.12
C LEU A 24 2.55 -21.34 5.81
N ILE A 25 1.39 -21.63 5.25
CA ILE A 25 0.72 -22.89 5.58
C ILE A 25 0.48 -23.65 4.28
N TYR A 26 1.24 -24.69 4.05
CA TYR A 26 1.09 -25.50 2.85
C TYR A 26 0.76 -26.93 3.23
N GLU A 27 -0.24 -27.49 2.59
CA GLU A 27 -0.87 -28.68 3.09
C GLU A 27 -1.45 -28.28 4.41
N ASP A 28 -1.03 -28.94 5.46
CA ASP A 28 -1.32 -28.46 6.80
C ASP A 28 0.01 -28.28 7.53
N GLN A 29 1.09 -28.63 6.84
CA GLN A 29 2.44 -28.37 7.33
C GLN A 29 2.73 -26.86 7.39
N THR A 30 3.18 -26.35 8.55
CA THR A 30 3.37 -24.91 8.70
C THR A 30 4.84 -24.48 8.77
N VAL A 31 5.12 -23.27 8.24
CA VAL A 31 6.48 -22.74 8.15
C VAL A 31 6.56 -21.34 8.75
N THR A 32 7.43 -21.15 9.73
CA THR A 32 7.60 -19.84 10.37
C THR A 32 8.48 -18.91 9.53
N PHE A 33 8.53 -17.63 9.90
CA PHE A 33 9.35 -16.66 9.17
C PHE A 33 10.83 -16.97 9.39
N ALA A 34 11.16 -17.40 10.59
CA ALA A 34 12.51 -17.91 10.86
C ALA A 34 12.80 -19.11 9.97
N GLU A 35 11.88 -20.08 9.92
CA GLU A 35 12.09 -21.24 9.07
C GLU A 35 12.19 -20.85 7.59
N LEU A 36 11.31 -19.94 7.15
CA LEU A 36 11.27 -19.47 5.76
C LEU A 36 12.56 -18.76 5.37
N PHE A 37 13.06 -17.93 6.28
CA PHE A 37 14.32 -17.27 6.03
C PHE A 37 15.42 -18.34 5.90
N ALA A 38 15.40 -19.33 6.79
CA ALA A 38 16.38 -20.42 6.79
C ALA A 38 16.35 -21.26 5.49
N ALA A 39 15.15 -21.75 5.16
CA ALA A 39 14.91 -22.45 3.91
C ALA A 39 15.47 -21.68 2.72
N SER A 40 15.19 -20.37 2.69
CA SER A 40 15.52 -19.52 1.56
C SER A 40 17.03 -19.30 1.47
N LYS A 41 17.63 -18.95 2.60
CA LYS A 41 19.08 -18.80 2.71
C LYS A 41 19.79 -20.11 2.35
N ARG A 42 19.24 -21.22 2.82
CA ARG A 42 19.75 -22.56 2.44
C ARG A 42 19.72 -22.71 0.92
N MET A 43 18.53 -22.58 0.33
CA MET A 43 18.38 -22.68 -1.11
C MET A 43 19.30 -21.71 -1.83
N ALA A 44 19.54 -20.56 -1.22
CA ALA A 44 20.34 -19.54 -1.84
C ALA A 44 21.77 -20.02 -2.01
N GLU A 45 22.34 -20.52 -0.92
CA GLU A 45 23.72 -21.01 -0.92
C GLU A 45 23.89 -22.12 -1.96
N GLN A 46 22.94 -23.04 -2.00
CA GLN A 46 22.93 -24.10 -2.99
C GLN A 46 23.02 -23.54 -4.42
N LEU A 47 22.21 -22.53 -4.71
CA LEU A 47 22.19 -21.94 -6.05
C LEU A 47 23.50 -21.24 -6.34
N ALA A 48 24.08 -20.63 -5.31
CA ALA A 48 25.33 -19.90 -5.48
C ALA A 48 26.45 -20.84 -5.93
N ALA A 49 26.31 -22.11 -5.55
CA ALA A 49 27.24 -23.15 -5.92
C ALA A 49 27.13 -23.55 -7.40
N HIS A 50 26.05 -23.15 -8.08
CA HIS A 50 25.93 -23.48 -9.49
C HIS A 50 26.31 -22.33 -10.38
N SER A 51 27.16 -21.45 -9.85
CA SER A 51 27.65 -20.27 -10.57
C SER A 51 26.51 -19.27 -10.82
N VAL A 52 25.43 -19.43 -10.07
CA VAL A 52 24.38 -18.41 -10.00
C VAL A 52 24.93 -17.23 -9.21
N ARG A 53 25.16 -16.12 -9.89
CA ARG A 53 25.82 -14.99 -9.27
C ARG A 53 24.92 -13.75 -9.26
N LYS A 54 25.13 -12.90 -8.27
CA LYS A 54 24.43 -11.63 -8.16
C LYS A 54 24.39 -10.90 -9.49
N GLY A 55 23.19 -10.64 -10.01
CA GLY A 55 23.02 -9.88 -11.22
C GLY A 55 22.51 -10.73 -12.36
N ASP A 56 22.56 -12.05 -12.17
CA ASP A 56 22.01 -12.92 -13.20
C ASP A 56 20.49 -12.89 -13.12
N THR A 57 19.86 -13.65 -13.99
CA THR A 57 18.42 -13.73 -14.06
C THR A 57 17.99 -15.18 -14.05
N ALA A 58 17.53 -15.66 -12.90
CA ALA A 58 17.00 -17.02 -12.84
C ALA A 58 15.51 -17.01 -13.13
N ALA A 59 15.07 -17.87 -14.03
CA ALA A 59 13.66 -18.06 -14.28
C ALA A 59 13.18 -19.21 -13.43
N ILE A 60 11.91 -19.19 -13.03
CA ILE A 60 11.33 -20.21 -12.17
C ILE A 60 10.11 -20.77 -12.83
N LEU A 61 9.99 -22.10 -12.86
CA LEU A 61 8.82 -22.76 -13.43
C LEU A 61 8.30 -23.84 -12.47
N LEU A 62 7.28 -23.52 -11.68
CA LEU A 62 6.79 -24.41 -10.64
C LEU A 62 5.32 -24.22 -10.38
N GLN A 63 4.68 -25.31 -9.97
CA GLN A 63 3.36 -25.25 -9.43
C GLN A 63 3.48 -24.57 -8.06
N ASN A 64 2.37 -24.11 -7.51
CA ASN A 64 2.39 -23.56 -6.17
C ASN A 64 2.87 -24.57 -5.14
N ARG A 65 4.10 -24.40 -4.66
CA ARG A 65 4.61 -25.22 -3.58
C ARG A 65 5.43 -24.32 -2.67
N ALA A 66 5.66 -24.79 -1.45
CA ALA A 66 6.60 -24.14 -0.55
C ALA A 66 7.97 -23.86 -1.21
N GLU A 67 8.46 -24.79 -2.03
CA GLU A 67 9.77 -24.67 -2.64
C GLU A 67 9.82 -23.51 -3.63
N MET A 68 8.65 -23.10 -4.10
CA MET A 68 8.58 -21.96 -4.98
C MET A 68 8.75 -20.66 -4.22
N VAL A 69 8.09 -20.56 -3.07
CA VAL A 69 8.31 -19.45 -2.19
C VAL A 69 9.79 -19.36 -1.83
N TYR A 70 10.41 -20.50 -1.51
CA TYR A 70 11.83 -20.47 -1.17
C TYR A 70 12.62 -19.91 -2.33
N ALA A 71 12.32 -20.37 -3.55
CA ALA A 71 13.13 -19.99 -4.69
C ALA A 71 13.06 -18.48 -4.93
N VAL A 72 11.85 -17.90 -4.84
CA VAL A 72 11.67 -16.47 -5.05
C VAL A 72 12.48 -15.67 -4.04
N HIS A 73 12.37 -16.00 -2.76
CA HIS A 73 13.13 -15.28 -1.77
C HIS A 73 14.62 -15.53 -1.94
N ALA A 74 14.97 -16.73 -2.37
CA ALA A 74 16.38 -17.05 -2.58
C ALA A 74 16.99 -16.06 -3.58
N CYS A 75 16.42 -15.98 -4.78
CA CYS A 75 16.88 -15.00 -5.78
C CYS A 75 17.08 -13.59 -5.21
N PHE A 76 16.18 -13.20 -4.29
CA PHE A 76 16.27 -11.89 -3.66
C PHE A 76 17.53 -11.79 -2.84
N LEU A 77 17.77 -12.81 -2.00
CA LEU A 77 18.95 -12.93 -1.16
C LEU A 77 20.28 -13.09 -1.96
N LEU A 78 20.21 -13.51 -3.23
CA LEU A 78 21.43 -13.56 -4.04
C LEU A 78 21.62 -12.32 -4.88
N GLY A 79 20.55 -11.54 -5.01
CA GLY A 79 20.56 -10.38 -5.89
C GLY A 79 20.29 -10.80 -7.32
N VAL A 80 19.35 -11.74 -7.50
CA VAL A 80 19.00 -12.22 -8.83
C VAL A 80 17.53 -11.89 -9.25
N LYS A 81 17.38 -11.27 -10.41
CA LYS A 81 16.07 -11.06 -11.00
C LYS A 81 15.38 -12.37 -11.20
N ALA A 82 14.23 -12.54 -10.54
CA ALA A 82 13.49 -13.77 -10.67
C ALA A 82 12.42 -13.64 -11.75
N VAL A 83 12.56 -14.39 -12.84
CA VAL A 83 11.51 -14.44 -13.85
C VAL A 83 10.58 -15.59 -13.58
N LEU A 84 9.28 -15.35 -13.36
CA LEU A 84 8.39 -16.48 -13.14
C LEU A 84 7.58 -16.75 -14.40
N LEU A 85 7.32 -18.02 -14.67
CA LEU A 85 6.75 -18.45 -15.94
C LEU A 85 5.44 -19.18 -15.80
N ASN A 86 4.51 -18.86 -16.69
CA ASN A 86 3.22 -19.53 -16.75
C ASN A 86 3.40 -21.01 -17.10
N THR A 87 3.03 -21.89 -16.19
CA THR A 87 3.24 -23.32 -16.37
C THR A 87 2.28 -23.95 -17.40
N LYS A 88 1.36 -23.16 -17.93
CA LYS A 88 0.47 -23.63 -18.97
C LYS A 88 0.93 -23.11 -20.32
N LEU A 89 2.16 -22.63 -20.39
CA LEU A 89 2.71 -22.16 -21.66
C LEU A 89 3.19 -23.30 -22.54
N SER A 90 3.04 -23.16 -23.85
CA SER A 90 3.61 -24.10 -24.79
C SER A 90 5.12 -24.03 -24.69
N THR A 91 5.79 -25.13 -25.05
CA THR A 91 7.25 -25.16 -25.11
C THR A 91 7.81 -23.94 -25.83
N HIS A 92 7.19 -23.61 -26.96
CA HIS A 92 7.64 -22.52 -27.81
C HIS A 92 7.54 -21.20 -27.06
N GLU A 93 6.39 -20.96 -26.44
CA GLU A 93 6.15 -19.72 -25.69
C GLU A 93 7.14 -19.58 -24.55
N ARG A 94 7.39 -20.70 -23.90
CA ARG A 94 8.30 -20.76 -22.77
C ARG A 94 9.74 -20.43 -23.18
N LEU A 95 10.18 -21.00 -24.29
CA LEU A 95 11.54 -20.76 -24.75
C LEU A 95 11.70 -19.30 -25.14
N PHE A 96 10.66 -18.77 -25.78
CA PHE A 96 10.63 -17.36 -26.13
C PHE A 96 10.91 -16.46 -24.92
N GLN A 97 10.17 -16.67 -23.83
CA GLN A 97 10.33 -15.83 -22.65
C GLN A 97 11.70 -16.04 -21.97
N LEU A 98 12.24 -17.25 -22.07
CA LEU A 98 13.59 -17.54 -21.56
C LEU A 98 14.66 -16.77 -22.34
N GLU A 99 14.55 -16.82 -23.67
CA GLU A 99 15.44 -16.09 -24.54
C GLU A 99 15.30 -14.59 -24.24
N ASP A 100 14.07 -14.08 -24.36
CA ASP A 100 13.81 -12.64 -24.25
C ASP A 100 14.20 -12.03 -22.91
N SER A 101 14.14 -12.80 -21.83
CA SER A 101 14.46 -12.25 -20.51
C SER A 101 15.94 -12.20 -20.27
N GLY A 102 16.69 -12.98 -21.05
CA GLY A 102 18.11 -13.14 -20.79
C GLY A 102 18.31 -14.00 -19.55
N SER A 103 17.46 -15.00 -19.38
CA SER A 103 17.61 -15.88 -18.25
C SER A 103 18.81 -16.80 -18.48
N GLY A 104 19.69 -16.91 -17.48
CA GLY A 104 20.75 -17.89 -17.47
C GLY A 104 20.33 -19.21 -16.82
N PHE A 105 19.50 -19.15 -15.79
CA PHE A 105 19.09 -20.37 -15.11
C PHE A 105 17.58 -20.57 -15.20
N LEU A 106 17.17 -21.83 -15.04
CA LEU A 106 15.76 -22.17 -14.99
C LEU A 106 15.59 -23.13 -13.83
N LEU A 107 15.10 -22.62 -12.72
CA LEU A 107 14.83 -23.45 -11.56
C LEU A 107 13.49 -24.12 -11.77
N THR A 108 13.44 -25.44 -11.63
CA THR A 108 12.19 -26.17 -11.82
C THR A 108 12.20 -27.53 -11.12
N ASP A 109 11.24 -28.40 -11.44
CA ASP A 109 11.23 -29.74 -10.87
C ASP A 109 10.95 -30.80 -11.95
N SER A 110 10.76 -32.05 -11.53
CA SER A 110 10.63 -33.18 -12.46
C SER A 110 9.26 -33.24 -13.18
N SER A 111 8.32 -32.38 -12.79
CA SER A 111 6.97 -32.35 -13.39
C SER A 111 6.98 -31.82 -14.84
N PHE A 112 8.13 -31.29 -15.26
CA PHE A 112 8.28 -30.62 -16.54
C PHE A 112 9.40 -31.28 -17.36
N GLU A 113 9.56 -30.88 -18.62
CA GLU A 113 10.60 -31.44 -19.48
C GLU A 113 11.89 -30.60 -19.46
N LYS A 114 12.73 -30.81 -18.43
CA LYS A 114 13.96 -30.04 -18.26
C LYS A 114 14.90 -29.99 -19.49
N LYS A 115 15.21 -31.14 -20.08
CA LYS A 115 16.16 -31.17 -21.20
C LYS A 115 15.62 -30.44 -22.43
N GLU A 116 14.31 -30.27 -22.49
CA GLU A 116 13.69 -29.57 -23.61
C GLU A 116 14.06 -28.08 -23.63
N TYR A 117 14.66 -27.59 -22.54
CA TYR A 117 15.13 -26.20 -22.44
C TYR A 117 16.63 -26.15 -22.09
N GLU A 118 17.26 -27.33 -22.00
CA GLU A 118 18.63 -27.43 -21.49
C GLU A 118 19.67 -26.75 -22.39
N HIS A 119 19.27 -26.43 -23.62
CA HIS A 119 20.14 -25.76 -24.58
C HIS A 119 20.29 -24.26 -24.31
N ILE A 120 19.18 -23.58 -24.01
CA ILE A 120 19.20 -22.11 -23.77
C ILE A 120 19.68 -21.74 -22.37
N VAL A 121 19.41 -22.60 -21.38
CA VAL A 121 19.64 -22.24 -19.97
C VAL A 121 20.14 -23.41 -19.11
N GLN A 122 20.98 -23.08 -18.13
CA GLN A 122 21.38 -24.01 -17.08
C GLN A 122 20.21 -24.43 -16.20
N THR A 123 19.51 -25.51 -16.54
CA THR A 123 18.43 -26.01 -15.68
C THR A 123 18.94 -26.30 -14.28
N ILE A 124 18.00 -26.41 -13.32
CA ILE A 124 18.28 -26.80 -11.95
C ILE A 124 17.01 -27.46 -11.40
N ASP A 125 17.12 -28.52 -10.61
CA ASP A 125 15.93 -29.16 -10.03
C ASP A 125 15.74 -28.72 -8.58
N VAL A 126 14.56 -28.19 -8.27
CA VAL A 126 14.31 -27.64 -6.94
C VAL A 126 14.62 -28.65 -5.84
N ASP A 127 14.19 -29.90 -6.02
CA ASP A 127 14.31 -30.94 -4.99
C ASP A 127 15.69 -31.56 -4.82
N GLU A 128 16.31 -31.93 -5.94
CA GLU A 128 17.66 -32.47 -5.91
C GLU A 128 18.64 -31.38 -5.46
N LEU A 129 18.23 -30.12 -5.61
CA LEU A 129 19.02 -28.99 -5.14
C LEU A 129 18.95 -28.89 -3.63
N MET A 130 17.80 -29.18 -3.05
CA MET A 130 17.66 -29.09 -1.60
C MET A 130 18.43 -30.19 -0.90
N LYS A 131 18.71 -31.28 -1.62
CA LYS A 131 19.37 -32.46 -1.06
C LYS A 131 20.86 -32.25 -0.79
N GLU A 132 21.52 -31.46 -1.65
CA GLU A 132 22.96 -31.26 -1.51
C GLU A 132 23.33 -30.26 -0.42
N ALA A 133 24.59 -29.82 -0.41
CA ALA A 133 25.09 -28.82 0.53
C ALA A 133 26.20 -27.99 -0.11
N ALA A 134 26.46 -26.81 0.45
CA ALA A 134 27.48 -25.92 -0.10
C ALA A 134 27.94 -24.87 0.91
N GLU A 135 28.99 -24.13 0.55
CA GLU A 135 29.54 -23.13 1.47
C GLU A 135 28.54 -22.02 1.75
N GLU A 136 28.26 -21.80 3.03
CA GLU A 136 27.47 -20.66 3.46
C GLU A 136 28.05 -19.37 2.87
N ILE A 137 27.19 -18.39 2.62
CA ILE A 137 27.60 -17.13 2.00
C ILE A 137 26.88 -15.97 2.64
N GLU A 138 27.01 -14.79 2.05
CA GLU A 138 26.26 -13.62 2.50
C GLU A 138 25.97 -12.64 1.33
N ILE A 139 24.95 -11.81 1.49
CA ILE A 139 24.07 -11.90 2.65
C ILE A 139 22.64 -12.21 2.22
N GLU A 140 21.99 -11.41 1.35
CA GLU A 140 22.35 -10.04 0.93
C GLU A 140 21.36 -9.08 1.61
N ALA A 141 21.86 -8.29 2.56
CA ALA A 141 21.01 -7.67 3.57
C ALA A 141 20.03 -6.60 3.09
N TYR A 142 20.29 -6.02 1.92
CA TYR A 142 19.52 -4.85 1.47
C TYR A 142 18.88 -4.97 0.11
N MET A 143 17.57 -4.69 0.06
CA MET A 143 16.88 -4.49 -1.20
C MET A 143 17.00 -3.03 -1.62
N GLN A 144 17.56 -2.79 -2.79
CA GLN A 144 17.52 -1.46 -3.37
C GLN A 144 16.18 -1.23 -4.07
N MET A 145 15.35 -0.35 -3.48
CA MET A 145 14.01 -0.04 -3.98
C MET A 145 13.83 0.13 -5.50
N ASP A 146 14.80 0.67 -6.21
CA ASP A 146 14.63 0.90 -7.64
C ASP A 146 15.15 -0.26 -8.49
N ALA A 147 15.61 -1.33 -7.85
CA ALA A 147 16.09 -2.49 -8.60
C ALA A 147 14.92 -3.33 -9.05
N THR A 148 14.97 -3.84 -10.27
CA THR A 148 14.07 -4.89 -10.69
C THR A 148 14.14 -6.09 -9.74
N ALA A 149 13.01 -6.50 -9.17
CA ALA A 149 12.99 -7.60 -8.24
C ALA A 149 12.59 -8.83 -9.00
N THR A 150 11.56 -8.65 -9.79
CA THR A 150 10.88 -9.77 -10.40
C THR A 150 10.50 -9.32 -11.81
N LEU A 151 10.46 -10.23 -12.75
CA LEU A 151 10.11 -9.85 -14.09
C LEU A 151 8.99 -10.76 -14.55
N MET A 152 7.89 -10.17 -14.99
CA MET A 152 6.66 -10.90 -15.18
C MET A 152 6.08 -10.59 -16.54
N TYR A 153 5.81 -11.60 -17.34
CA TYR A 153 5.28 -11.35 -18.68
C TYR A 153 3.76 -11.16 -18.73
N THR A 154 3.31 -10.24 -19.57
CA THR A 154 1.88 -10.07 -19.72
C THR A 154 1.36 -11.29 -20.48
N SER A 155 0.05 -11.45 -20.53
CA SER A 155 -0.53 -12.66 -21.07
C SER A 155 -0.40 -12.74 -22.58
N GLY A 156 -0.13 -11.61 -23.23
CA GLY A 156 -0.01 -11.58 -24.67
C GLY A 156 -1.36 -11.58 -25.39
N THR A 157 -2.40 -11.21 -24.66
CA THR A 157 -3.76 -11.11 -25.19
C THR A 157 -3.82 -10.32 -26.51
N THR A 158 -3.04 -9.25 -26.60
CA THR A 158 -3.08 -8.36 -27.75
C THR A 158 -1.73 -8.22 -28.45
N GLY A 159 -0.95 -9.30 -28.51
CA GLY A 159 0.36 -9.26 -29.15
C GLY A 159 1.47 -9.91 -28.33
N LYS A 160 2.65 -10.06 -28.91
CA LYS A 160 3.76 -10.76 -28.25
C LYS A 160 4.01 -10.19 -26.86
N PRO A 161 3.91 -11.05 -25.84
CA PRO A 161 3.96 -10.71 -24.41
C PRO A 161 5.12 -9.84 -24.04
N LYS A 162 4.85 -8.84 -23.20
CA LYS A 162 5.85 -7.90 -22.73
C LYS A 162 6.34 -8.25 -21.34
N GLY A 163 7.63 -8.06 -21.12
CA GLY A 163 8.17 -8.33 -19.80
C GLY A 163 8.04 -7.09 -18.97
N VAL A 164 7.36 -7.23 -17.84
CA VAL A 164 7.19 -6.16 -16.91
C VAL A 164 8.23 -6.24 -15.81
N GLN A 165 9.03 -5.18 -15.66
CA GLN A 165 10.02 -5.12 -14.59
C GLN A 165 9.39 -4.55 -13.37
N GLN A 166 9.19 -5.41 -12.38
CA GLN A 166 8.55 -4.98 -11.15
C GLN A 166 9.61 -4.75 -10.06
N THR A 167 9.76 -3.51 -9.62
CA THR A 167 10.78 -3.17 -8.64
C THR A 167 10.38 -3.58 -7.24
N PHE A 168 11.34 -3.69 -6.32
CA PHE A 168 11.02 -3.86 -4.92
C PHE A 168 10.18 -2.69 -4.42
N GLY A 169 10.48 -1.50 -4.95
CA GLY A 169 9.70 -0.32 -4.67
C GLY A 169 8.25 -0.57 -5.01
N ASN A 170 8.01 -1.02 -6.25
CA ASN A 170 6.67 -1.35 -6.70
C ASN A 170 5.97 -2.29 -5.71
N HIS A 171 6.60 -3.41 -5.40
CA HIS A 171 5.96 -4.41 -4.56
C HIS A 171 5.68 -3.87 -3.18
N TYR A 172 6.65 -3.13 -2.64
CA TYR A 172 6.48 -2.56 -1.33
C TYR A 172 5.26 -1.62 -1.32
N PHE A 173 5.14 -0.76 -2.33
CA PHE A 173 4.09 0.23 -2.29
C PHE A 173 2.72 -0.38 -2.56
N SER A 174 2.69 -1.42 -3.42
CA SER A 174 1.48 -2.20 -3.61
C SER A 174 0.98 -2.79 -2.31
N ALA A 175 1.88 -3.31 -1.49
CA ALA A 175 1.47 -3.91 -0.22
C ALA A 175 0.94 -2.86 0.74
N VAL A 176 1.59 -1.70 0.73
CA VAL A 176 1.30 -0.69 1.71
C VAL A 176 -0.04 -0.04 1.34
N SER A 177 -0.21 0.30 0.07
CA SER A 177 -1.47 0.91 -0.32
C SER A 177 -2.68 0.00 -0.08
N SER A 178 -2.53 -1.28 -0.40
CA SER A 178 -3.58 -2.22 -0.16
C SER A 178 -3.89 -2.25 1.34
N ALA A 179 -2.88 -2.12 2.18
CA ALA A 179 -3.16 -2.23 3.61
C ALA A 179 -3.90 -0.98 4.10
N LEU A 180 -3.48 0.18 3.60
CA LEU A 180 -4.20 1.44 3.84
C LEU A 180 -5.66 1.32 3.43
N ASN A 181 -5.92 0.50 2.41
CA ASN A 181 -7.24 0.33 1.86
C ASN A 181 -8.09 -0.66 2.65
N LEU A 182 -7.47 -1.74 3.13
CA LEU A 182 -8.24 -2.83 3.70
C LEU A 182 -8.07 -2.96 5.21
N GLY A 183 -7.04 -2.32 5.76
CA GLY A 183 -6.71 -2.46 7.17
C GLY A 183 -5.82 -3.68 7.32
N ILE A 184 -5.16 -3.81 8.47
CA ILE A 184 -4.28 -4.95 8.75
C ILE A 184 -4.32 -5.27 10.25
N THR A 185 -4.35 -6.56 10.60
CA THR A 185 -4.34 -6.93 12.03
C THR A 185 -3.35 -8.07 12.32
N GLU A 186 -3.17 -8.41 13.60
CA GLU A 186 -2.38 -9.58 13.99
C GLU A 186 -3.09 -10.87 13.54
N GLN A 187 -4.41 -10.87 13.61
CA GLN A 187 -5.23 -12.06 13.39
C GLN A 187 -5.46 -12.38 11.90
N ASP A 188 -4.96 -11.54 11.01
CA ASP A 188 -5.22 -11.69 9.57
C ASP A 188 -4.43 -12.82 8.91
N ARG A 189 -5.12 -13.61 8.08
CA ARG A 189 -4.47 -14.59 7.21
C ARG A 189 -5.05 -14.57 5.79
N TRP A 190 -4.18 -14.78 4.80
CA TRP A 190 -4.54 -14.63 3.39
C TRP A 190 -4.38 -15.95 2.63
N LEU A 191 -5.40 -16.34 1.89
CA LEU A 191 -5.35 -17.61 1.20
C LEU A 191 -5.18 -17.41 -0.30
N ILE A 192 -4.07 -17.88 -0.83
CA ILE A 192 -3.82 -17.86 -2.26
C ILE A 192 -4.10 -19.24 -2.89
N ALA A 193 -5.04 -19.27 -3.84
CA ALA A 193 -5.33 -20.53 -4.53
C ALA A 193 -5.21 -20.31 -6.02
N LEU A 194 -4.65 -19.17 -6.39
CA LEU A 194 -4.34 -18.87 -7.78
C LEU A 194 -2.84 -19.00 -7.96
N PRO A 195 -2.36 -19.08 -9.20
CA PRO A 195 -0.93 -19.32 -9.35
C PRO A 195 -0.04 -18.19 -8.85
N LEU A 196 1.09 -18.56 -8.25
CA LEU A 196 2.03 -17.60 -7.70
C LEU A 196 2.87 -16.90 -8.77
N PHE A 197 2.67 -17.29 -10.02
CA PHE A 197 3.36 -16.64 -11.12
C PHE A 197 2.44 -15.57 -11.74
N HIS A 198 1.28 -15.40 -11.13
CA HIS A 198 0.37 -14.33 -11.49
C HIS A 198 0.56 -13.26 -10.44
N ILE A 199 0.44 -12.00 -10.83
CA ILE A 199 0.75 -10.93 -9.90
C ILE A 199 -0.21 -10.95 -8.73
N SER A 200 -1.40 -11.51 -8.92
CA SER A 200 -2.36 -11.50 -7.83
C SER A 200 -1.86 -12.40 -6.72
N GLY A 201 -1.19 -13.48 -7.10
CA GLY A 201 -0.68 -14.42 -6.13
C GLY A 201 0.68 -14.04 -5.61
N LEU A 202 1.59 -13.65 -6.51
CA LEU A 202 2.92 -13.25 -6.08
C LEU A 202 2.87 -12.14 -5.02
N SER A 203 2.17 -11.04 -5.29
CA SER A 203 1.99 -9.96 -4.31
C SER A 203 1.58 -10.38 -2.90
N ALA A 204 0.96 -11.55 -2.75
CA ALA A 204 0.64 -12.06 -1.41
C ALA A 204 1.90 -12.50 -0.69
N LEU A 205 2.88 -12.97 -1.44
CA LEU A 205 4.13 -13.36 -0.80
C LEU A 205 4.83 -12.15 -0.21
N PHE A 206 4.70 -11.02 -0.89
CA PHE A 206 5.28 -9.79 -0.39
C PHE A 206 4.44 -9.20 0.74
N LYS A 207 3.12 -9.31 0.62
CA LYS A 207 2.26 -8.82 1.71
C LYS A 207 2.67 -9.54 3.00
N SER A 208 3.00 -10.81 2.88
CA SER A 208 3.33 -11.64 4.01
C SER A 208 4.54 -11.15 4.84
N VAL A 209 5.72 -11.04 4.23
CA VAL A 209 6.90 -10.61 4.98
C VAL A 209 6.75 -9.19 5.53
N ILE A 210 6.09 -8.32 4.77
CA ILE A 210 6.04 -6.91 5.12
C ILE A 210 5.06 -6.68 6.27
N TYR A 211 3.91 -7.34 6.22
CA TYR A 211 2.93 -7.23 7.31
C TYR A 211 3.29 -8.15 8.45
N GLY A 212 4.06 -9.18 8.15
CA GLY A 212 4.16 -10.33 9.04
C GLY A 212 2.83 -11.08 9.10
N MET A 213 2.33 -11.48 7.94
CA MET A 213 1.02 -12.11 7.82
C MET A 213 1.13 -13.49 7.18
N THR A 214 0.39 -14.45 7.72
CA THR A 214 0.38 -15.83 7.22
C THR A 214 -0.28 -15.97 5.87
N VAL A 215 0.42 -16.58 4.92
CA VAL A 215 -0.19 -16.97 3.66
C VAL A 215 -0.55 -18.44 3.71
N VAL A 216 -1.83 -18.73 3.54
CA VAL A 216 -2.30 -20.11 3.35
C VAL A 216 -2.22 -20.43 1.88
N LEU A 217 -1.32 -21.32 1.49
CA LEU A 217 -1.08 -21.57 0.08
C LEU A 217 -1.67 -22.90 -0.46
N HIS A 218 -2.39 -22.81 -1.58
CA HIS A 218 -3.00 -23.98 -2.23
C HIS A 218 -2.42 -24.25 -3.62
N GLN A 219 -2.21 -25.51 -3.98
CA GLN A 219 -1.63 -25.77 -5.29
C GLN A 219 -2.65 -25.48 -6.39
N ARG A 220 -3.93 -25.49 -6.04
CA ARG A 220 -4.98 -25.18 -7.02
C ARG A 220 -6.26 -24.85 -6.31
N PHE A 221 -7.23 -24.30 -7.02
CA PHE A 221 -8.52 -24.02 -6.39
C PHE A 221 -9.50 -25.19 -6.50
N SER A 222 -9.68 -25.91 -5.39
CA SER A 222 -10.77 -26.87 -5.22
C SER A 222 -11.66 -26.41 -4.06
N VAL A 223 -12.91 -26.07 -4.39
CA VAL A 223 -13.78 -25.35 -3.45
C VAL A 223 -13.90 -25.98 -2.07
N SER A 224 -13.91 -27.30 -2.04
CA SER A 224 -14.04 -27.99 -0.76
C SER A 224 -12.78 -27.77 0.04
N ASP A 225 -11.62 -27.97 -0.61
CA ASP A 225 -10.34 -27.75 0.08
C ASP A 225 -10.19 -26.32 0.58
N VAL A 226 -10.76 -25.36 -0.13
CA VAL A 226 -10.66 -23.97 0.26
C VAL A 226 -11.53 -23.71 1.48
N LEU A 227 -12.78 -24.17 1.43
CA LEU A 227 -13.70 -24.00 2.55
C LEU A 227 -13.18 -24.66 3.82
N HIS A 228 -12.62 -25.85 3.68
CA HIS A 228 -12.03 -26.53 4.84
C HIS A 228 -10.85 -25.73 5.35
N SER A 229 -9.97 -25.34 4.43
CA SER A 229 -8.79 -24.56 4.75
C SER A 229 -9.16 -23.27 5.46
N ILE A 230 -10.20 -22.61 4.93
CA ILE A 230 -10.64 -21.33 5.49
C ILE A 230 -11.00 -21.50 6.93
N ASN A 231 -11.86 -22.47 7.23
CA ASN A 231 -12.32 -22.64 8.61
C ASN A 231 -11.20 -23.22 9.49
N ARG A 232 -10.56 -24.30 9.07
CA ARG A 232 -9.51 -24.92 9.87
C ARG A 232 -8.40 -23.95 10.27
N HIS A 233 -8.05 -23.02 9.37
CA HIS A 233 -6.93 -22.10 9.62
C HIS A 233 -7.40 -20.67 9.91
N GLU A 234 -8.72 -20.48 9.90
CA GLU A 234 -9.32 -19.20 10.28
C GLU A 234 -8.78 -18.13 9.36
N VAL A 235 -9.06 -18.29 8.07
CA VAL A 235 -8.64 -17.36 7.03
C VAL A 235 -9.55 -16.14 7.03
N THR A 236 -8.98 -14.96 6.81
CA THR A 236 -9.76 -13.73 6.84
C THR A 236 -9.76 -13.03 5.50
N MET A 237 -8.75 -13.29 4.68
CA MET A 237 -8.63 -12.67 3.37
C MET A 237 -8.41 -13.72 2.28
N ILE A 238 -9.06 -13.51 1.14
CA ILE A 238 -8.92 -14.44 0.03
C ILE A 238 -8.95 -13.65 -1.29
N SER A 239 -8.09 -14.03 -2.25
CA SER A 239 -8.08 -13.48 -3.61
C SER A 239 -8.79 -14.43 -4.55
N ALA A 240 -9.58 -13.90 -5.48
CA ALA A 240 -10.44 -14.75 -6.27
C ALA A 240 -10.81 -14.14 -7.61
N VAL A 241 -11.05 -15.00 -8.60
CA VAL A 241 -11.66 -14.53 -9.84
C VAL A 241 -13.15 -14.86 -9.84
N GLN A 242 -13.90 -14.40 -10.82
CA GLN A 242 -15.36 -14.57 -10.82
C GLN A 242 -15.84 -16.02 -10.69
N THR A 243 -15.15 -16.96 -11.31
CA THR A 243 -15.56 -18.36 -11.22
C THR A 243 -15.36 -18.90 -9.81
N MET A 244 -14.24 -18.58 -9.18
CA MET A 244 -13.99 -19.03 -7.81
C MET A 244 -15.04 -18.45 -6.85
N LEU A 245 -15.51 -17.25 -7.15
CA LEU A 245 -16.46 -16.60 -6.27
C LEU A 245 -17.81 -17.26 -6.45
N ALA A 246 -18.17 -17.51 -7.71
CA ALA A 246 -19.42 -18.18 -8.04
C ALA A 246 -19.49 -19.57 -7.41
N SER A 247 -18.35 -20.28 -7.38
CA SER A 247 -18.32 -21.61 -6.77
C SER A 247 -18.43 -21.61 -5.24
N LEU A 248 -17.80 -20.66 -4.57
CA LEU A 248 -17.90 -20.55 -3.12
C LEU A 248 -19.33 -20.25 -2.72
N LEU A 249 -20.04 -19.51 -3.55
CA LEU A 249 -21.43 -19.21 -3.32
C LEU A 249 -22.34 -20.41 -3.39
N GLU A 250 -22.08 -21.28 -4.35
CA GLU A 250 -22.88 -22.46 -4.57
C GLU A 250 -22.82 -23.39 -3.39
N GLU A 251 -21.65 -23.48 -2.80
CA GLU A 251 -21.39 -24.49 -1.80
C GLU A 251 -21.53 -24.02 -0.37
N THR A 252 -22.16 -22.89 -0.17
CA THR A 252 -22.40 -22.37 1.19
C THR A 252 -23.80 -21.76 1.34
N ASN A 253 -24.31 -21.77 2.57
CA ASN A 253 -25.47 -20.95 2.90
C ASN A 253 -24.98 -19.54 3.27
N ARG A 254 -24.28 -19.42 4.39
CA ARG A 254 -23.68 -18.15 4.74
C ARG A 254 -22.17 -18.18 4.50
N CYS A 255 -21.57 -16.99 4.51
CA CYS A 255 -20.15 -16.83 4.29
C CYS A 255 -19.38 -17.27 5.54
N PRO A 256 -18.20 -17.91 5.38
CA PRO A 256 -17.46 -18.35 6.57
C PRO A 256 -17.20 -17.18 7.51
N GLU A 257 -17.33 -17.41 8.81
CA GLU A 257 -17.36 -16.31 9.77
C GLU A 257 -16.02 -15.59 9.76
N SER A 258 -14.98 -16.37 9.51
CA SER A 258 -13.60 -15.92 9.55
C SER A 258 -13.26 -14.90 8.46
N ILE A 259 -13.89 -15.04 7.29
CA ILE A 259 -13.59 -14.20 6.14
C ILE A 259 -14.06 -12.77 6.32
N ARG A 260 -13.19 -11.79 6.07
CA ARG A 260 -13.64 -10.38 6.06
C ARG A 260 -13.41 -9.70 4.73
N CYS A 261 -12.67 -10.35 3.84
N CYS A 261 -12.64 -10.33 3.86
CA CYS A 261 -12.35 -9.74 2.57
CA CYS A 261 -12.28 -9.74 2.57
C CYS A 261 -12.17 -10.76 1.44
C CYS A 261 -12.19 -10.78 1.45
N ILE A 262 -12.91 -10.54 0.37
CA ILE A 262 -12.74 -11.32 -0.83
C ILE A 262 -12.31 -10.34 -1.89
N LEU A 263 -11.04 -10.39 -2.26
CA LEU A 263 -10.53 -9.45 -3.24
C LEU A 263 -10.76 -10.07 -4.60
N LEU A 264 -11.69 -9.49 -5.35
CA LEU A 264 -12.05 -10.01 -6.67
C LEU A 264 -11.37 -9.24 -7.79
N GLY A 265 -10.50 -9.90 -8.53
CA GLY A 265 -9.90 -9.27 -9.69
C GLY A 265 -10.38 -9.89 -11.00
N GLY A 266 -9.92 -9.35 -12.13
CA GLY A 266 -10.21 -9.95 -13.41
C GLY A 266 -11.37 -9.36 -14.21
N GLY A 267 -12.36 -8.75 -13.55
CA GLY A 267 -13.53 -8.24 -14.25
C GLY A 267 -14.71 -8.02 -13.34
N PRO A 268 -15.74 -7.32 -13.81
CA PRO A 268 -16.84 -7.03 -12.88
C PRO A 268 -17.72 -8.25 -12.64
N ALA A 269 -18.27 -8.35 -11.44
CA ALA A 269 -19.27 -9.38 -11.14
C ALA A 269 -20.66 -8.87 -11.51
N PRO A 270 -21.40 -9.64 -12.31
CA PRO A 270 -22.76 -9.22 -12.69
C PRO A 270 -23.69 -9.09 -11.47
N LEU A 271 -24.77 -8.33 -11.64
CA LEU A 271 -25.64 -7.99 -10.52
C LEU A 271 -26.20 -9.19 -9.73
N PRO A 272 -26.59 -10.27 -10.42
CA PRO A 272 -27.13 -11.34 -9.56
C PRO A 272 -26.06 -11.95 -8.67
N LEU A 273 -24.83 -12.08 -9.16
CA LEU A 273 -23.75 -12.64 -8.35
C LEU A 273 -23.58 -11.80 -7.09
N LEU A 274 -23.64 -10.48 -7.26
CA LEU A 274 -23.50 -9.55 -6.14
C LEU A 274 -24.65 -9.57 -5.12
N GLU A 275 -25.92 -9.52 -5.57
CA GLU A 275 -27.05 -9.56 -4.63
C GLU A 275 -27.00 -10.83 -3.78
N GLU A 276 -26.62 -11.93 -4.43
CA GLU A 276 -26.51 -13.18 -3.71
C GLU A 276 -25.36 -13.04 -2.73
N CYS A 277 -24.32 -12.32 -3.14
CA CYS A 277 -23.16 -12.08 -2.29
C CYS A 277 -23.51 -11.23 -1.08
N ARG A 278 -24.38 -10.25 -1.29
CA ARG A 278 -24.87 -9.44 -0.18
C ARG A 278 -25.85 -10.21 0.70
N GLU A 279 -26.74 -10.99 0.09
CA GLU A 279 -27.69 -11.76 0.88
C GLU A 279 -26.96 -12.77 1.76
N LYS A 280 -25.94 -13.42 1.20
CA LYS A 280 -25.26 -14.51 1.90
C LYS A 280 -24.12 -14.05 2.83
N GLY A 281 -23.91 -12.74 2.88
CA GLY A 281 -22.92 -12.15 3.77
C GLY A 281 -21.49 -12.13 3.27
N PHE A 282 -21.32 -12.16 1.95
CA PHE A 282 -20.00 -12.15 1.32
C PHE A 282 -19.48 -10.72 1.07
N PRO A 283 -18.37 -10.36 1.72
CA PRO A 283 -17.81 -9.01 1.57
C PRO A 283 -16.88 -8.93 0.36
N VAL A 284 -17.39 -8.47 -0.78
CA VAL A 284 -16.62 -8.55 -2.02
C VAL A 284 -16.04 -7.23 -2.45
N PHE A 285 -14.72 -7.17 -2.45
CA PHE A 285 -14.01 -6.00 -2.94
C PHE A 285 -13.67 -6.16 -4.43
N GLN A 286 -14.46 -5.57 -5.32
CA GLN A 286 -14.08 -5.61 -6.73
C GLN A 286 -12.80 -4.81 -6.98
N SER A 287 -12.08 -5.12 -8.05
CA SER A 287 -10.81 -4.47 -8.27
C SER A 287 -10.43 -4.36 -9.74
N TYR A 288 -9.60 -3.36 -10.03
CA TYR A 288 -9.01 -3.21 -11.34
C TYR A 288 -7.52 -3.14 -11.17
N GLY A 289 -6.80 -3.60 -12.18
CA GLY A 289 -5.37 -3.76 -12.04
C GLY A 289 -4.82 -4.57 -13.18
N MET A 290 -3.50 -4.72 -13.16
CA MET A 290 -2.79 -5.38 -14.23
C MET A 290 -1.38 -5.80 -13.79
N THR A 291 -0.65 -6.49 -14.65
CA THR A 291 0.73 -6.87 -14.31
C THR A 291 1.57 -5.61 -14.07
N GLU A 292 1.37 -4.61 -14.94
CA GLU A 292 2.08 -3.33 -14.85
C GLU A 292 1.89 -2.56 -13.55
N THR A 293 0.85 -2.86 -12.78
CA THR A 293 0.60 -2.08 -11.55
C THR A 293 0.76 -2.94 -10.32
N CYS A 294 1.22 -4.17 -10.51
CA CYS A 294 1.68 -5.07 -9.44
C CYS A 294 0.56 -5.51 -8.51
N SER A 295 -0.59 -5.75 -9.13
CA SER A 295 -1.89 -6.19 -8.58
C SER A 295 -2.83 -5.00 -8.62
N GLN A 296 -3.77 -4.92 -7.68
CA GLN A 296 -4.84 -3.92 -7.78
C GLN A 296 -4.36 -2.46 -7.61
N ILE A 297 -4.91 -1.57 -8.43
CA ILE A 297 -4.62 -0.14 -8.27
C ILE A 297 -5.91 0.63 -7.99
N VAL A 298 -7.04 -0.03 -8.25
CA VAL A 298 -8.37 0.53 -8.05
C VAL A 298 -9.24 -0.50 -7.38
N THR A 299 -9.87 -0.14 -6.26
CA THR A 299 -10.83 -1.05 -5.65
C THR A 299 -12.13 -0.36 -5.27
N LEU A 300 -13.15 -1.18 -5.02
CA LEU A 300 -14.49 -0.72 -4.67
C LEU A 300 -14.96 -1.48 -3.45
N SER A 301 -15.29 -0.80 -2.36
CA SER A 301 -15.61 -1.50 -1.11
C SER A 301 -17.00 -2.11 -1.25
N PRO A 302 -17.33 -3.14 -0.46
CA PRO A 302 -18.67 -3.76 -0.56
C PRO A 302 -19.84 -2.78 -0.37
N GLU A 303 -19.68 -1.75 0.46
CA GLU A 303 -20.78 -0.81 0.69
C GLU A 303 -21.30 -0.14 -0.60
N PHE A 304 -20.51 -0.10 -1.67
CA PHE A 304 -20.89 0.63 -2.88
C PHE A 304 -21.21 -0.35 -4.00
N SER A 305 -21.19 -1.63 -3.66
CA SER A 305 -21.35 -2.72 -4.62
C SER A 305 -22.62 -2.56 -5.49
N MET A 306 -23.78 -2.45 -4.84
CA MET A 306 -25.04 -2.30 -5.55
C MET A 306 -25.24 -0.87 -6.07
N GLU A 307 -24.77 0.11 -5.29
CA GLU A 307 -24.92 1.51 -5.70
C GLU A 307 -24.06 1.85 -6.93
N LYS A 308 -23.00 1.09 -7.18
CA LYS A 308 -22.11 1.43 -8.29
C LYS A 308 -21.87 0.22 -9.18
N LEU A 309 -22.96 -0.38 -9.66
CA LEU A 309 -22.88 -1.59 -10.45
C LEU A 309 -22.01 -1.33 -11.66
N GLY A 310 -21.02 -2.20 -11.84
CA GLY A 310 -20.16 -2.15 -13.00
C GLY A 310 -18.91 -1.32 -12.83
N SER A 311 -18.59 -0.96 -11.58
CA SER A 311 -17.44 -0.10 -11.31
C SER A 311 -16.32 -0.84 -10.60
N ALA A 312 -15.09 -0.50 -10.98
CA ALA A 312 -13.93 -1.04 -10.33
C ALA A 312 -13.66 -0.32 -9.02
N GLY A 313 -14.07 0.95 -8.92
CA GLY A 313 -13.96 1.72 -7.68
C GLY A 313 -13.13 2.98 -7.82
N LYS A 314 -12.37 3.30 -6.77
CA LYS A 314 -11.48 4.46 -6.75
C LYS A 314 -10.05 4.00 -6.54
N PRO A 315 -9.07 4.87 -6.85
CA PRO A 315 -7.65 4.55 -6.71
C PRO A 315 -7.23 4.21 -5.30
N LEU A 316 -6.25 3.34 -5.14
CA LEU A 316 -5.72 3.13 -3.80
C LEU A 316 -4.94 4.36 -3.37
N PHE A 317 -4.71 4.50 -2.06
CA PHE A 317 -3.99 5.68 -1.58
C PHE A 317 -2.61 5.73 -2.22
N SER A 318 -2.17 6.93 -2.57
CA SER A 318 -0.94 7.23 -3.33
C SER A 318 -1.07 7.05 -4.81
N CYS A 319 -2.16 6.43 -5.28
CA CYS A 319 -2.30 6.14 -6.70
C CYS A 319 -3.27 7.08 -7.36
N GLU A 320 -3.23 7.14 -8.69
CA GLU A 320 -4.07 8.05 -9.43
C GLU A 320 -4.56 7.42 -10.74
N ILE A 321 -5.77 7.80 -11.18
CA ILE A 321 -6.24 7.47 -12.53
C ILE A 321 -6.70 8.73 -13.24
N LYS A 322 -6.79 8.65 -14.56
CA LYS A 322 -7.35 9.72 -15.35
C LYS A 322 -7.83 9.14 -16.70
N ILE A 323 -8.60 9.91 -17.46
CA ILE A 323 -9.10 9.40 -18.73
C ILE A 323 -8.81 10.39 -19.86
N GLU A 324 -8.09 9.95 -20.89
CA GLU A 324 -7.70 10.84 -21.98
C GLU A 324 -8.24 10.39 -23.33
N ARG A 325 -8.66 11.33 -24.17
CA ARG A 325 -8.90 11.04 -25.59
C ARG A 325 -8.05 12.03 -26.35
N ASP A 326 -7.39 11.53 -27.39
CA ASP A 326 -6.53 12.35 -28.24
C ASP A 326 -5.78 13.43 -27.46
N GLY A 327 -5.08 13.03 -26.39
CA GLY A 327 -4.21 13.93 -25.63
C GLY A 327 -4.89 14.89 -24.65
N GLN A 328 -6.22 14.98 -24.74
CA GLN A 328 -6.95 15.88 -23.85
C GLN A 328 -7.75 15.10 -22.79
N VAL A 329 -7.88 15.69 -21.61
CA VAL A 329 -8.60 15.08 -20.51
C VAL A 329 -10.10 15.00 -20.76
N CYS A 330 -10.76 14.00 -20.17
CA CYS A 330 -12.16 13.71 -20.49
C CYS A 330 -13.11 14.11 -19.40
N GLU A 331 -14.25 14.64 -19.81
CA GLU A 331 -15.33 14.99 -18.90
C GLU A 331 -15.93 13.72 -18.30
N PRO A 332 -16.51 13.84 -17.11
CA PRO A 332 -17.24 12.70 -16.52
C PRO A 332 -18.14 11.99 -17.55
N TYR A 333 -18.11 10.65 -17.55
CA TYR A 333 -18.87 9.79 -18.47
C TYR A 333 -18.34 9.80 -19.90
N GLU A 334 -17.44 10.72 -20.24
CA GLU A 334 -16.82 10.68 -21.56
C GLU A 334 -15.80 9.54 -21.70
N HIS A 335 -15.98 8.74 -22.75
CA HIS A 335 -15.14 7.57 -23.01
C HIS A 335 -13.77 7.97 -23.48
N GLY A 336 -12.76 7.29 -22.93
CA GLY A 336 -11.36 7.50 -23.30
C GLY A 336 -10.50 6.40 -22.71
N GLU A 337 -9.17 6.54 -22.82
CA GLU A 337 -8.23 5.55 -22.33
C GLU A 337 -7.90 5.69 -20.85
N ILE A 338 -7.98 4.59 -20.12
CA ILE A 338 -7.60 4.61 -18.73
C ILE A 338 -6.11 4.78 -18.63
N MET A 339 -5.70 5.71 -17.77
CA MET A 339 -4.30 5.95 -17.49
C MET A 339 -4.06 5.90 -15.99
N VAL A 340 -2.93 5.32 -15.59
CA VAL A 340 -2.65 5.19 -14.17
C VAL A 340 -1.30 5.78 -13.81
N LYS A 341 -1.13 6.11 -12.53
CA LYS A 341 0.09 6.69 -11.96
C LYS A 341 0.25 6.27 -10.51
N GLY A 342 1.48 6.01 -10.08
CA GLY A 342 1.68 5.64 -8.70
C GLY A 342 3.01 4.96 -8.48
N PRO A 343 3.48 4.92 -7.23
CA PRO A 343 4.73 4.26 -6.86
C PRO A 343 4.69 2.74 -7.06
N ASN A 344 3.51 2.22 -7.40
CA ASN A 344 3.32 0.79 -7.58
C ASN A 344 3.27 0.40 -9.05
N VAL A 345 3.23 1.40 -9.91
CA VAL A 345 3.34 1.21 -11.37
C VAL A 345 4.77 1.00 -11.81
N MET A 346 5.00 -0.01 -12.65
CA MET A 346 6.34 -0.29 -13.17
C MET A 346 6.86 0.97 -13.80
N LYS A 347 8.16 1.23 -13.68
CA LYS A 347 8.71 2.43 -14.34
C LYS A 347 9.01 2.14 -15.80
N SER A 348 9.22 0.88 -16.18
CA SER A 348 9.53 0.54 -17.58
C SER A 348 9.34 -0.94 -18.02
N TYR A 349 8.85 -1.19 -19.24
CA TYR A 349 8.88 -2.56 -19.79
C TYR A 349 10.33 -3.04 -20.02
N PHE A 350 10.55 -4.36 -19.99
CA PHE A 350 11.86 -4.92 -20.29
C PHE A 350 12.05 -5.15 -21.77
N ASN A 351 12.90 -4.35 -22.38
CA ASN A 351 13.26 -4.57 -23.77
C ASN A 351 12.04 -4.53 -24.71
N ARG A 352 11.27 -3.45 -24.61
CA ARG A 352 10.17 -3.19 -25.55
C ARG A 352 10.08 -1.69 -25.78
N GLU A 353 11.13 -1.11 -26.35
CA GLU A 353 11.26 0.34 -26.46
C GLU A 353 10.05 1.02 -27.11
N SER A 354 9.53 0.41 -28.17
CA SER A 354 8.37 0.97 -28.86
C SER A 354 7.19 1.08 -27.92
N ALA A 355 6.97 0.04 -27.11
CA ALA A 355 5.90 0.05 -26.13
C ALA A 355 6.15 1.07 -25.01
N ASN A 356 7.38 1.19 -24.54
CA ASN A 356 7.69 2.19 -23.53
C ASN A 356 7.44 3.58 -24.05
N GLU A 357 7.75 3.79 -25.32
CA GLU A 357 7.62 5.10 -25.92
C GLU A 357 6.16 5.52 -25.94
N ALA A 358 5.33 4.60 -26.43
CA ALA A 358 3.91 4.82 -26.68
C ALA A 358 3.02 4.71 -25.44
N SER A 359 3.57 4.19 -24.35
CA SER A 359 2.77 3.96 -23.15
C SER A 359 2.96 4.97 -22.01
N PHE A 360 3.94 5.84 -22.11
CA PHE A 360 4.13 6.82 -21.03
C PHE A 360 4.01 8.28 -21.52
N GLN A 361 3.34 9.14 -20.75
CA GLN A 361 3.21 10.56 -21.10
C GLN A 361 3.98 11.43 -20.11
N ASN A 362 3.62 11.36 -18.83
CA ASN A 362 4.36 12.12 -17.83
C ASN A 362 4.42 11.45 -16.45
N GLY A 363 4.83 10.20 -16.40
CA GLY A 363 4.71 9.43 -15.19
C GLY A 363 3.45 8.57 -15.28
N TRP A 364 2.55 8.98 -16.15
CA TRP A 364 1.31 8.24 -16.36
C TRP A 364 1.54 7.05 -17.27
N LEU A 365 0.92 5.92 -16.96
CA LEU A 365 0.96 4.77 -17.87
C LEU A 365 -0.33 4.62 -18.68
N LYS A 366 -0.21 4.44 -19.99
CA LYS A 366 -1.37 4.13 -20.81
C LYS A 366 -1.70 2.64 -20.78
N THR A 367 -2.79 2.28 -20.11
CA THR A 367 -3.17 0.88 -19.92
C THR A 367 -3.67 0.21 -21.18
N GLY A 368 -4.07 1.00 -22.17
CA GLY A 368 -4.66 0.45 -23.38
C GLY A 368 -6.08 -0.05 -23.19
N ASP A 369 -6.63 0.18 -21.99
CA ASP A 369 -8.04 -0.08 -21.71
C ASP A 369 -8.87 1.21 -21.92
N LEU A 370 -10.10 1.08 -22.39
CA LEU A 370 -11.01 2.23 -22.42
C LEU A 370 -11.93 2.22 -21.18
N GLY A 371 -12.22 3.41 -20.66
CA GLY A 371 -13.17 3.53 -19.56
C GLY A 371 -13.75 4.93 -19.37
N TYR A 372 -14.39 5.14 -18.21
CA TYR A 372 -14.84 6.49 -17.88
C TYR A 372 -14.98 6.64 -16.39
N LEU A 373 -14.97 7.88 -15.93
CA LEU A 373 -15.24 8.22 -14.53
C LEU A 373 -16.65 8.80 -14.35
N ASP A 374 -17.33 8.42 -13.27
CA ASP A 374 -18.59 9.13 -12.99
C ASP A 374 -18.31 10.37 -12.12
N ASN A 375 -19.29 11.25 -12.00
CA ASN A 375 -19.15 12.56 -11.34
C ASN A 375 -18.36 12.51 -10.05
N GLU A 376 -18.48 11.41 -9.33
CA GLU A 376 -17.77 11.25 -8.07
C GLU A 376 -16.36 10.62 -8.20
N GLY A 377 -15.91 10.36 -9.43
CA GLY A 377 -14.60 9.77 -9.63
C GLY A 377 -14.49 8.24 -9.67
N PHE A 378 -15.60 7.53 -9.48
CA PHE A 378 -15.59 6.09 -9.63
C PHE A 378 -15.26 5.68 -11.06
N LEU A 379 -14.51 4.59 -11.20
CA LEU A 379 -14.09 4.13 -12.50
C LEU A 379 -15.03 3.09 -13.12
N TYR A 380 -15.23 3.21 -14.41
CA TYR A 380 -15.93 2.16 -15.14
C TYR A 380 -15.07 1.69 -16.28
N VAL A 381 -14.62 0.44 -16.19
CA VAL A 381 -13.88 -0.15 -17.29
C VAL A 381 -14.78 -0.75 -18.38
N LEU A 382 -14.59 -0.28 -19.61
CA LEU A 382 -15.38 -0.76 -20.73
C LEU A 382 -14.75 -1.99 -21.35
N ASP A 383 -13.67 -1.78 -22.10
CA ASP A 383 -13.04 -2.87 -22.84
C ASP A 383 -11.65 -2.50 -23.31
N ARG A 384 -10.93 -3.46 -23.87
CA ARG A 384 -9.61 -3.16 -24.40
C ARG A 384 -9.74 -2.30 -25.64
N ARG A 385 -8.90 -1.29 -25.75
CA ARG A 385 -8.93 -0.37 -26.89
C ARG A 385 -8.82 -1.14 -28.20
N SER A 386 -8.11 -2.25 -28.17
CA SER A 386 -7.81 -3.03 -29.38
C SER A 386 -8.99 -3.85 -29.90
N ASP A 387 -9.87 -4.28 -29.00
CA ASP A 387 -10.99 -5.13 -29.36
C ASP A 387 -12.23 -4.28 -29.59
N LEU A 388 -12.01 -2.97 -29.68
CA LEU A 388 -13.08 -2.05 -30.02
C LEU A 388 -13.59 -2.36 -31.42
N ILE A 389 -14.90 -2.29 -31.61
CA ILE A 389 -15.49 -2.48 -32.94
C ILE A 389 -16.11 -1.19 -33.43
N ILE A 390 -15.75 -0.72 -34.60
CA ILE A 390 -16.39 0.49 -35.08
C ILE A 390 -17.38 0.20 -36.19
N SER A 391 -18.65 0.18 -35.83
CA SER A 391 -19.71 -0.07 -36.77
C SER A 391 -20.23 1.30 -36.82
N GLY A 392 -20.19 1.91 -37.98
CA GLY A 392 -19.79 3.29 -38.15
C GLY A 392 -20.67 4.07 -37.23
N GLY A 393 -20.13 5.09 -36.56
CA GLY A 393 -20.81 5.60 -35.40
C GLY A 393 -20.98 4.50 -34.36
N GLU A 394 -19.86 3.90 -34.03
CA GLU A 394 -19.82 2.80 -33.08
C GLU A 394 -19.94 3.51 -31.77
N ASN A 395 -19.70 2.82 -30.68
CA ASN A 395 -18.82 1.72 -30.62
C ASN A 395 -19.53 0.57 -30.05
N ILE A 396 -19.07 -0.61 -30.40
CA ILE A 396 -19.57 -1.78 -29.77
C ILE A 396 -18.42 -2.22 -28.91
N TYR A 397 -18.68 -2.40 -27.64
CA TYR A 397 -17.65 -2.85 -26.72
C TYR A 397 -17.95 -4.33 -26.45
N PRO A 398 -17.15 -5.23 -27.03
CA PRO A 398 -17.46 -6.67 -26.98
C PRO A 398 -17.81 -7.19 -25.59
N ALA A 399 -17.25 -6.64 -24.52
CA ALA A 399 -17.58 -7.07 -23.17
C ALA A 399 -19.02 -6.70 -22.79
N GLU A 400 -19.50 -5.58 -23.32
CA GLU A 400 -20.87 -5.14 -23.11
C GLU A 400 -21.80 -6.22 -23.67
N VAL A 401 -21.57 -6.59 -24.92
CA VAL A 401 -22.37 -7.61 -25.58
C VAL A 401 -22.22 -8.98 -24.89
N GLU A 402 -20.99 -9.42 -24.74
CA GLU A 402 -20.70 -10.71 -24.10
C GLU A 402 -21.38 -10.86 -22.75
N SER A 403 -21.43 -9.77 -21.97
CA SER A 403 -22.01 -9.86 -20.64
C SER A 403 -23.50 -10.24 -20.73
N VAL A 404 -24.21 -9.68 -21.73
CA VAL A 404 -25.64 -9.96 -21.86
C VAL A 404 -25.85 -11.38 -22.39
N LEU A 405 -24.96 -11.83 -23.29
CA LEU A 405 -25.05 -13.19 -23.83
C LEU A 405 -24.91 -14.24 -22.74
N LEU A 406 -23.90 -14.13 -21.86
CA LEU A 406 -23.89 -14.94 -20.64
C LEU A 406 -25.18 -14.74 -19.87
N SER A 407 -25.43 -15.62 -18.90
CA SER A 407 -26.67 -15.54 -18.14
C SER A 407 -27.87 -15.69 -19.07
N HIS A 408 -27.89 -16.75 -19.85
CA HIS A 408 -29.06 -16.98 -20.68
C HIS A 408 -30.08 -17.96 -20.10
N PRO A 409 -29.65 -19.05 -19.42
CA PRO A 409 -28.34 -19.58 -19.04
C PRO A 409 -27.83 -20.55 -20.08
N ALA A 410 -28.47 -20.54 -21.24
CA ALA A 410 -28.06 -21.37 -22.37
C ALA A 410 -26.58 -21.14 -22.67
N VAL A 411 -26.12 -19.91 -22.47
CA VAL A 411 -24.75 -19.54 -22.79
C VAL A 411 -23.81 -19.71 -21.59
N ALA A 412 -22.67 -20.35 -21.84
CA ALA A 412 -21.67 -20.68 -20.83
C ALA A 412 -20.40 -19.84 -20.98
N GLU A 413 -20.07 -19.54 -22.23
CA GLU A 413 -18.89 -18.76 -22.58
C GLU A 413 -19.32 -17.97 -23.81
N ALA A 414 -18.98 -16.69 -23.89
CA ALA A 414 -19.41 -15.89 -25.04
C ALA A 414 -18.30 -14.96 -25.50
N GLY A 415 -18.17 -14.80 -26.81
CA GLY A 415 -17.13 -13.96 -27.39
C GLY A 415 -17.62 -13.22 -28.62
N VAL A 416 -17.08 -12.02 -28.85
CA VAL A 416 -17.59 -11.14 -29.89
C VAL A 416 -16.45 -10.45 -30.66
N SER A 417 -16.44 -10.61 -31.97
CA SER A 417 -15.43 -9.94 -32.78
C SER A 417 -16.10 -9.18 -33.91
N GLY A 418 -15.34 -8.28 -34.54
CA GLY A 418 -15.83 -7.54 -35.68
C GLY A 418 -15.49 -8.16 -37.03
N ALA A 419 -16.50 -8.58 -37.76
CA ALA A 419 -16.37 -8.86 -39.18
C ALA A 419 -16.43 -7.53 -39.91
N GLU A 420 -16.26 -7.56 -41.23
CA GLU A 420 -16.28 -6.31 -41.99
C GLU A 420 -17.37 -6.36 -43.07
N ASP A 421 -18.11 -5.25 -43.24
CA ASP A 421 -18.99 -5.02 -44.41
C ASP A 421 -19.65 -3.64 -44.43
N LYS A 422 -20.45 -3.39 -45.48
CA LYS A 422 -21.16 -2.11 -45.63
C LYS A 422 -22.17 -1.85 -44.51
N GLY A 425 -19.70 -0.61 -41.78
CA GLY A 425 -18.25 -0.63 -41.60
C GLY A 425 -17.74 -1.98 -41.11
N LYS A 426 -17.89 -2.23 -39.81
CA LYS A 426 -17.69 -3.56 -39.26
C LYS A 426 -18.96 -3.96 -38.51
N VAL A 427 -19.40 -5.21 -38.67
CA VAL A 427 -20.60 -5.67 -37.99
C VAL A 427 -20.25 -6.74 -36.95
N PRO A 428 -20.95 -6.74 -35.82
CA PRO A 428 -20.64 -7.64 -34.70
C PRO A 428 -21.03 -9.11 -34.93
N HIS A 429 -20.07 -10.01 -34.82
CA HIS A 429 -20.37 -11.44 -34.76
C HIS A 429 -20.16 -11.95 -33.33
N ALA A 430 -21.03 -12.86 -32.89
CA ALA A 430 -20.93 -13.46 -31.56
C ALA A 430 -20.62 -14.95 -31.63
N TYR A 431 -19.82 -15.45 -30.70
CA TYR A 431 -19.41 -16.85 -30.69
C TYR A 431 -19.72 -17.47 -29.32
N LEU A 432 -20.54 -18.52 -29.32
CA LEU A 432 -21.13 -19.01 -28.09
C LEU A 432 -20.74 -20.46 -27.76
N VAL A 433 -20.54 -20.75 -26.48
CA VAL A 433 -20.46 -22.12 -25.97
C VAL A 433 -21.78 -22.37 -25.23
N LEU A 434 -22.41 -23.52 -25.46
CA LEU A 434 -23.76 -23.75 -24.93
C LEU A 434 -23.93 -24.81 -23.83
N HIS A 435 -24.55 -24.42 -22.72
CA HIS A 435 -25.10 -25.33 -21.73
C HIS A 435 -26.20 -26.19 -22.38
N LYS A 436 -27.25 -25.52 -22.82
CA LYS A 436 -28.42 -26.15 -23.41
C LYS A 436 -28.59 -25.72 -24.85
N PRO A 437 -29.74 -26.04 -25.46
CA PRO A 437 -29.89 -25.41 -26.78
C PRO A 437 -30.72 -24.14 -26.70
N VAL A 438 -30.34 -23.15 -27.50
CA VAL A 438 -31.03 -21.87 -27.57
C VAL A 438 -31.41 -21.46 -28.98
N SER A 439 -32.65 -21.03 -29.13
CA SER A 439 -33.18 -20.54 -30.39
C SER A 439 -32.39 -19.30 -30.71
N ALA A 440 -32.04 -19.10 -31.97
CA ALA A 440 -31.03 -18.11 -32.28
C ALA A 440 -31.33 -17.12 -33.38
N GLY A 441 -32.12 -16.09 -33.11
CA GLY A 441 -32.67 -15.79 -31.82
C GLY A 441 -34.05 -15.30 -32.15
N GLU A 442 -34.96 -15.25 -31.19
CA GLU A 442 -34.62 -15.21 -29.78
C GLU A 442 -33.93 -16.46 -29.36
N LEU A 443 -32.78 -16.33 -28.71
CA LEU A 443 -32.28 -15.07 -28.17
C LEU A 443 -31.54 -14.12 -29.12
N THR A 444 -32.28 -13.49 -30.03
CA THR A 444 -31.86 -12.24 -30.64
C THR A 444 -32.77 -11.22 -30.02
N ASP A 445 -33.94 -11.68 -29.64
CA ASP A 445 -34.89 -10.89 -28.89
C ASP A 445 -34.37 -10.74 -27.44
N TYR A 446 -33.72 -11.78 -26.92
CA TYR A 446 -33.12 -11.68 -25.59
C TYR A 446 -32.10 -10.56 -25.58
N CYS A 447 -31.32 -10.49 -26.66
CA CYS A 447 -30.37 -9.38 -26.84
C CYS A 447 -31.06 -8.06 -27.11
N LYS A 448 -32.17 -8.09 -27.85
CA LYS A 448 -32.84 -6.86 -28.28
C LYS A 448 -33.32 -6.02 -27.09
N GLU A 449 -33.77 -6.69 -26.03
CA GLU A 449 -34.30 -5.99 -24.85
C GLU A 449 -33.21 -5.25 -24.09
N ARG A 450 -32.05 -5.90 -23.94
CA ARG A 450 -30.96 -5.39 -23.12
C ARG A 450 -29.86 -4.67 -23.91
N LEU A 451 -30.07 -4.42 -25.20
CA LEU A 451 -29.04 -3.78 -26.00
C LEU A 451 -29.59 -2.91 -27.11
N ALA A 452 -28.97 -1.75 -27.30
CA ALA A 452 -29.25 -0.90 -28.45
C ALA A 452 -29.14 -1.73 -29.72
N LYS A 453 -29.92 -1.36 -30.74
CA LYS A 453 -30.01 -2.14 -31.97
C LYS A 453 -28.66 -2.40 -32.67
N TYR A 454 -27.79 -1.39 -32.72
CA TYR A 454 -26.54 -1.51 -33.47
C TYR A 454 -25.51 -2.40 -32.79
N LYS A 455 -25.77 -2.77 -31.54
CA LYS A 455 -24.82 -3.57 -30.78
C LYS A 455 -25.12 -5.06 -30.89
N ILE A 456 -26.37 -5.43 -31.16
CA ILE A 456 -26.74 -6.84 -31.25
C ILE A 456 -26.04 -7.61 -32.35
N PRO A 457 -25.62 -8.90 -32.00
CA PRO A 457 -24.85 -9.56 -33.05
C PRO A 457 -25.64 -9.88 -34.29
N ALA A 458 -25.06 -9.63 -35.45
CA ALA A 458 -25.70 -9.98 -36.68
C ALA A 458 -25.87 -11.48 -36.85
N LYS A 459 -24.84 -12.23 -36.53
CA LYS A 459 -24.85 -13.66 -36.76
C LYS A 459 -24.41 -14.35 -35.52
N PHE A 460 -24.92 -15.54 -35.27
CA PHE A 460 -24.41 -16.30 -34.12
C PHE A 460 -23.71 -17.61 -34.57
N PHE A 461 -22.50 -17.83 -34.08
CA PHE A 461 -21.78 -19.07 -34.35
C PHE A 461 -21.63 -19.89 -33.06
N VAL A 462 -21.31 -21.18 -33.17
CA VAL A 462 -21.18 -22.06 -31.99
C VAL A 462 -19.88 -22.89 -31.97
N LEU A 463 -19.28 -23.02 -30.78
CA LEU A 463 -18.07 -23.82 -30.59
C LEU A 463 -18.10 -24.63 -29.29
N ASP A 464 -17.05 -25.42 -29.04
CA ASP A 464 -16.92 -26.22 -27.80
C ASP A 464 -15.93 -25.57 -26.83
N ARG A 465 -15.00 -24.80 -27.38
CA ARG A 465 -14.00 -24.08 -26.61
C ARG A 465 -13.71 -22.79 -27.39
N LEU A 466 -13.28 -21.73 -26.71
CA LEU A 466 -12.92 -20.51 -27.42
C LEU A 466 -11.43 -20.18 -27.28
N PRO A 467 -10.85 -19.56 -28.32
CA PRO A 467 -9.40 -19.27 -28.33
C PRO A 467 -8.92 -18.48 -27.10
N ARG A 468 -8.43 -19.22 -26.11
CA ARG A 468 -7.86 -18.62 -24.91
C ARG A 468 -6.36 -18.86 -24.84
N ASN A 469 -5.63 -17.88 -24.30
CA ASN A 469 -4.22 -18.05 -24.00
C ASN A 469 -4.00 -18.81 -22.68
N ALA A 470 -2.77 -18.74 -22.17
CA ALA A 470 -2.40 -19.56 -21.03
C ALA A 470 -2.95 -19.02 -19.69
N SER A 471 -3.68 -17.90 -19.76
CA SER A 471 -4.33 -17.32 -18.58
C SER A 471 -5.86 -17.34 -18.71
N ASN A 472 -6.36 -18.26 -19.52
CA ASN A 472 -7.79 -18.41 -19.82
C ASN A 472 -8.43 -17.14 -20.42
N LYS A 473 -7.60 -16.23 -20.94
CA LYS A 473 -8.09 -14.98 -21.49
C LYS A 473 -8.53 -15.11 -22.95
N LEU A 474 -9.69 -14.53 -23.27
CA LEU A 474 -10.27 -14.62 -24.60
C LEU A 474 -9.50 -13.82 -25.66
N LEU A 475 -9.08 -14.51 -26.71
CA LEU A 475 -8.44 -13.89 -27.87
C LEU A 475 -9.49 -13.55 -28.94
N ARG A 476 -10.02 -12.33 -28.87
CA ARG A 476 -11.13 -11.92 -29.72
C ARG A 476 -10.71 -11.77 -31.18
N ASN A 477 -9.42 -11.53 -31.40
CA ASN A 477 -8.90 -11.29 -32.75
C ASN A 477 -8.77 -12.59 -33.53
N GLN A 478 -9.07 -13.71 -32.88
CA GLN A 478 -8.86 -15.01 -33.51
C GLN A 478 -10.10 -15.91 -33.47
N LEU A 479 -11.26 -15.29 -33.28
CA LEU A 479 -12.51 -16.01 -33.31
C LEU A 479 -12.93 -16.23 -34.76
N LYS A 480 -12.45 -15.36 -35.64
CA LYS A 480 -12.67 -15.51 -37.07
C LYS A 480 -11.91 -16.73 -37.58
N ASP A 481 -12.33 -17.91 -37.10
CA ASP A 481 -11.66 -19.17 -37.37
C ASP A 481 -12.55 -20.36 -37.00
N THR B 5 10.56 11.57 -6.91
CA THR B 5 9.34 10.86 -6.48
C THR B 5 8.29 11.85 -5.99
N GLU B 6 7.00 11.54 -6.23
CA GLU B 6 5.92 12.36 -5.67
C GLU B 6 4.61 11.59 -5.40
N GLN B 7 3.74 12.21 -4.62
CA GLN B 7 2.46 11.65 -4.23
C GLN B 7 1.40 12.73 -4.25
N PRO B 8 0.17 12.40 -4.66
CA PRO B 8 -0.84 13.45 -4.55
C PRO B 8 -1.06 13.78 -3.09
N ASN B 9 -1.31 15.06 -2.83
CA ASN B 9 -1.48 15.60 -1.49
C ASN B 9 -2.36 14.74 -0.61
N TRP B 10 -1.81 14.32 0.52
CA TRP B 10 -2.54 13.40 1.39
C TRP B 10 -3.97 13.82 1.74
N LEU B 11 -4.18 15.11 1.99
CA LEU B 11 -5.46 15.58 2.51
C LEU B 11 -6.45 15.54 1.37
N MET B 12 -6.09 16.18 0.27
CA MET B 12 -6.85 16.16 -0.97
C MET B 12 -7.33 14.74 -1.33
N GLN B 13 -6.40 13.82 -1.51
CA GLN B 13 -6.75 12.46 -1.91
C GLN B 13 -7.64 11.82 -0.85
N ARG B 14 -7.31 12.02 0.42
CA ARG B 14 -8.12 11.43 1.49
C ARG B 14 -9.56 11.95 1.40
N ALA B 15 -9.70 13.18 0.96
CA ALA B 15 -11.00 13.77 0.89
C ALA B 15 -11.73 13.11 -0.28
N GLN B 16 -11.04 12.93 -1.41
CA GLN B 16 -11.67 12.33 -2.59
C GLN B 16 -12.07 10.88 -2.38
N LEU B 17 -11.43 10.20 -1.44
CA LEU B 17 -11.67 8.77 -1.23
C LEU B 17 -12.82 8.55 -0.28
N THR B 18 -12.65 9.05 0.93
CA THR B 18 -13.65 8.91 1.99
C THR B 18 -14.06 10.25 2.59
N PRO B 19 -14.73 11.11 1.80
CA PRO B 19 -15.04 12.50 2.19
C PRO B 19 -15.87 12.68 3.48
N GLU B 20 -16.75 11.74 3.79
CA GLU B 20 -17.63 11.95 4.93
C GLU B 20 -17.16 11.19 6.14
N ARG B 21 -15.92 10.72 6.11
CA ARG B 21 -15.38 10.11 7.31
C ARG B 21 -14.87 11.22 8.22
N ILE B 22 -14.86 10.97 9.52
CA ILE B 22 -14.50 12.02 10.46
C ILE B 22 -12.99 12.21 10.63
N ALA B 23 -12.54 13.38 10.22
CA ALA B 23 -11.15 13.76 10.38
C ALA B 23 -10.86 14.09 11.84
N LEU B 24 -11.44 15.20 12.29
CA LEU B 24 -11.08 15.74 13.59
C LEU B 24 -12.27 15.94 14.51
N ILE B 25 -12.13 15.45 15.74
CA ILE B 25 -13.08 15.77 16.78
C ILE B 25 -12.36 16.63 17.80
N TYR B 26 -12.88 17.82 18.06
CA TYR B 26 -12.29 18.71 19.02
C TYR B 26 -13.42 19.37 19.77
N GLU B 27 -13.34 19.42 21.08
CA GLU B 27 -14.48 19.85 21.85
C GLU B 27 -15.58 18.84 21.56
N ASP B 28 -16.76 19.28 21.17
CA ASP B 28 -17.81 18.34 20.79
C ASP B 28 -18.12 18.38 19.30
N GLN B 29 -17.56 19.34 18.61
CA GLN B 29 -17.76 19.51 17.16
C GLN B 29 -17.07 18.39 16.34
N THR B 30 -17.45 18.26 15.07
CA THR B 30 -16.81 17.28 14.18
C THR B 30 -16.44 17.86 12.81
N VAL B 31 -15.29 17.42 12.30
CA VAL B 31 -14.83 17.82 10.97
C VAL B 31 -14.64 16.57 10.13
N THR B 32 -15.23 16.57 8.95
CA THR B 32 -15.04 15.46 8.03
C THR B 32 -13.83 15.78 7.23
N PHE B 33 -13.30 14.81 6.51
CA PHE B 33 -12.17 15.09 5.66
C PHE B 33 -12.60 16.02 4.54
N ALA B 34 -13.90 16.01 4.22
CA ALA B 34 -14.38 16.93 3.20
C ALA B 34 -14.30 18.36 3.73
N GLU B 35 -14.70 18.52 4.99
CA GLU B 35 -14.65 19.82 5.63
C GLU B 35 -13.19 20.29 5.85
N LEU B 36 -12.38 19.44 6.50
CA LEU B 36 -10.94 19.71 6.67
C LEU B 36 -10.25 20.14 5.37
N PHE B 37 -10.52 19.46 4.26
CA PHE B 37 -9.89 19.92 3.03
C PHE B 37 -10.41 21.30 2.64
N ALA B 38 -11.71 21.52 2.83
CA ALA B 38 -12.34 22.80 2.49
C ALA B 38 -11.81 23.90 3.42
N ALA B 39 -11.77 23.60 4.73
CA ALA B 39 -11.14 24.49 5.71
C ALA B 39 -9.74 24.90 5.26
N SER B 40 -8.87 23.90 5.10
CA SER B 40 -7.47 24.14 4.78
C SER B 40 -7.31 24.89 3.46
N LYS B 41 -8.15 24.59 2.47
CA LYS B 41 -8.05 25.31 1.20
C LYS B 41 -8.43 26.79 1.36
N ARG B 42 -9.43 27.07 2.20
CA ARG B 42 -9.87 28.46 2.44
C ARG B 42 -8.70 29.23 3.05
N MET B 43 -8.23 28.78 4.21
CA MET B 43 -7.10 29.41 4.90
C MET B 43 -5.91 29.60 3.98
N ALA B 44 -5.62 28.58 3.18
CA ALA B 44 -4.56 28.63 2.21
C ALA B 44 -4.77 29.79 1.24
N GLU B 45 -6.01 30.02 0.85
CA GLU B 45 -6.29 31.15 -0.06
C GLU B 45 -6.19 32.49 0.63
N GLN B 46 -6.52 32.50 1.91
CA GLN B 46 -6.52 33.72 2.69
C GLN B 46 -5.12 34.07 3.12
N LEU B 47 -4.23 33.09 3.26
CA LEU B 47 -2.79 33.36 3.46
C LEU B 47 -2.13 33.83 2.15
N ALA B 48 -2.67 33.46 1.00
CA ALA B 48 -2.05 33.80 -0.29
C ALA B 48 -2.21 35.30 -0.58
N ALA B 49 -3.31 35.82 -0.10
CA ALA B 49 -3.41 37.21 0.18
C ALA B 49 -2.48 37.18 1.34
N HIS B 50 -1.84 38.29 1.64
CA HIS B 50 -0.80 38.40 2.66
C HIS B 50 0.55 38.05 2.12
N SER B 51 0.63 37.73 0.86
CA SER B 51 1.90 37.63 0.17
C SER B 51 2.68 36.37 0.44
N VAL B 52 2.10 35.44 1.17
CA VAL B 52 2.70 34.12 1.41
C VAL B 52 2.75 33.28 0.11
N ARG B 53 3.93 32.78 -0.24
CA ARG B 53 4.12 32.09 -1.51
C ARG B 53 4.86 30.76 -1.38
N LYS B 54 4.77 29.93 -2.41
CA LYS B 54 5.51 28.67 -2.47
C LYS B 54 6.96 28.96 -2.14
N GLY B 55 7.55 28.12 -1.29
CA GLY B 55 8.95 28.25 -0.96
C GLY B 55 9.20 28.97 0.35
N ASP B 56 8.15 29.54 0.93
CA ASP B 56 8.34 30.31 2.15
C ASP B 56 8.29 29.40 3.36
N THR B 57 8.79 29.91 4.47
CA THR B 57 8.70 29.22 5.73
C THR B 57 7.71 30.01 6.57
N ALA B 58 6.88 29.31 7.32
CA ALA B 58 5.89 29.97 8.14
C ALA B 58 5.90 29.29 9.46
N ALA B 59 5.95 30.06 10.53
CA ALA B 59 5.94 29.44 11.83
C ALA B 59 4.52 29.41 12.39
N ILE B 60 4.29 28.46 13.27
CA ILE B 60 3.00 28.33 13.88
C ILE B 60 3.21 28.30 15.36
N LEU B 61 2.52 29.22 16.02
CA LEU B 61 2.45 29.30 17.47
C LEU B 61 0.97 29.27 17.83
N LEU B 62 0.48 28.10 18.27
CA LEU B 62 -0.94 27.89 18.63
C LEU B 62 -1.13 26.73 19.58
N GLN B 63 -2.20 26.78 20.36
CA GLN B 63 -2.58 25.61 21.16
C GLN B 63 -3.31 24.61 20.27
N ASN B 64 -3.54 23.41 20.76
CA ASN B 64 -4.33 22.44 20.03
C ASN B 64 -5.73 22.98 19.75
N ARG B 65 -6.00 23.28 18.49
CA ARG B 65 -7.28 23.82 18.06
C ARG B 65 -7.52 23.41 16.63
N ALA B 66 -8.79 23.25 16.27
CA ALA B 66 -9.16 22.97 14.89
C ALA B 66 -8.36 23.83 13.91
N GLU B 67 -8.06 25.05 14.32
CA GLU B 67 -7.51 26.01 13.38
C GLU B 67 -6.00 25.78 13.20
N MET B 68 -5.39 25.04 14.13
CA MET B 68 -4.00 24.69 13.93
C MET B 68 -3.82 23.61 12.88
N VAL B 69 -4.68 22.58 12.95
CA VAL B 69 -4.67 21.53 11.95
C VAL B 69 -4.96 22.09 10.55
N TYR B 70 -5.84 23.07 10.46
CA TYR B 70 -6.05 23.70 9.16
C TYR B 70 -4.78 24.40 8.72
N ALA B 71 -4.06 24.95 9.70
CA ALA B 71 -2.89 25.78 9.44
C ALA B 71 -1.76 24.96 8.83
N VAL B 72 -1.42 23.86 9.51
CA VAL B 72 -0.47 22.91 8.96
C VAL B 72 -0.83 22.60 7.51
N HIS B 73 -2.08 22.18 7.28
CA HIS B 73 -2.49 21.74 5.96
C HIS B 73 -2.47 22.87 4.94
N ALA B 74 -2.82 24.07 5.37
CA ALA B 74 -2.81 25.18 4.42
C ALA B 74 -1.39 25.43 3.94
N CYS B 75 -0.41 25.25 4.83
CA CYS B 75 1.00 25.36 4.44
C CYS B 75 1.35 24.36 3.35
N PHE B 76 1.04 23.09 3.58
CA PHE B 76 1.29 22.07 2.57
C PHE B 76 0.60 22.44 1.27
N LEU B 77 -0.65 22.85 1.37
CA LEU B 77 -1.42 23.21 0.19
C LEU B 77 -0.81 24.39 -0.54
N LEU B 78 -0.03 25.19 0.17
CA LEU B 78 0.71 26.28 -0.47
C LEU B 78 2.12 25.85 -0.89
N GLY B 79 2.73 24.94 -0.14
CA GLY B 79 4.09 24.51 -0.46
C GLY B 79 5.00 25.32 0.42
N VAL B 80 4.52 25.56 1.63
CA VAL B 80 5.24 26.39 2.57
C VAL B 80 5.78 25.48 3.65
N LYS B 81 7.07 25.59 3.96
CA LYS B 81 7.63 24.86 5.09
C LYS B 81 7.00 25.37 6.37
N ALA B 82 6.71 24.48 7.31
CA ALA B 82 6.00 24.88 8.50
C ALA B 82 6.88 24.68 9.71
N VAL B 83 6.95 25.69 10.56
CA VAL B 83 7.68 25.51 11.80
C VAL B 83 6.74 25.61 12.96
N LEU B 84 6.69 24.55 13.77
CA LEU B 84 5.71 24.51 14.82
C LEU B 84 6.39 24.80 16.14
N LEU B 85 6.23 26.02 16.64
CA LEU B 85 6.97 26.46 17.81
C LEU B 85 6.31 25.99 19.09
N ASN B 86 7.14 25.49 20.00
CA ASN B 86 6.73 25.15 21.36
C ASN B 86 6.27 26.39 22.17
N THR B 87 4.97 26.48 22.44
CA THR B 87 4.36 27.61 23.17
C THR B 87 4.77 27.74 24.66
N LYS B 88 5.46 26.74 25.19
CA LYS B 88 5.87 26.74 26.59
C LYS B 88 7.37 27.08 26.70
N LEU B 89 7.93 27.63 25.63
CA LEU B 89 9.29 28.14 25.67
C LEU B 89 9.22 29.62 26.04
N SER B 90 10.35 30.22 26.36
CA SER B 90 10.43 31.65 26.56
C SER B 90 10.32 32.33 25.21
N THR B 91 10.00 33.61 25.19
CA THR B 91 9.89 34.32 23.93
C THR B 91 11.23 34.38 23.18
N HIS B 92 12.35 34.29 23.90
CA HIS B 92 13.64 34.46 23.22
C HIS B 92 14.07 33.16 22.54
N GLU B 93 13.76 32.03 23.16
CA GLU B 93 14.01 30.75 22.53
C GLU B 93 13.26 30.66 21.21
N ARG B 94 12.09 31.30 21.15
CA ARG B 94 11.29 31.32 19.94
C ARG B 94 11.83 32.28 18.89
N LEU B 95 12.29 33.45 19.32
CA LEU B 95 12.87 34.39 18.36
C LEU B 95 14.13 33.79 17.73
N PHE B 96 14.91 33.04 18.51
CA PHE B 96 16.06 32.33 17.96
C PHE B 96 15.65 31.40 16.82
N GLN B 97 14.52 30.71 17.00
CA GLN B 97 14.09 29.71 16.03
C GLN B 97 13.47 30.36 14.81
N LEU B 98 12.82 31.51 14.99
CA LEU B 98 12.27 32.25 13.86
C LEU B 98 13.36 32.76 12.92
N GLU B 99 14.45 33.28 13.49
CA GLU B 99 15.55 33.77 12.67
C GLU B 99 16.30 32.60 12.03
N ASP B 100 16.55 31.58 12.83
CA ASP B 100 17.32 30.43 12.35
C ASP B 100 16.60 29.70 11.22
N SER B 101 15.28 29.59 11.32
CA SER B 101 14.48 28.87 10.33
C SER B 101 14.25 29.63 9.03
N GLY B 102 14.50 30.93 9.03
CA GLY B 102 14.21 31.73 7.86
C GLY B 102 12.73 32.03 7.68
N SER B 103 11.94 31.92 8.74
CA SER B 103 10.50 32.21 8.71
C SER B 103 10.19 33.63 8.19
N GLY B 104 9.23 33.74 7.29
CA GLY B 104 8.76 35.03 6.83
C GLY B 104 7.46 35.43 7.51
N PHE B 105 6.80 34.47 8.15
CA PHE B 105 5.50 34.72 8.75
C PHE B 105 5.36 33.90 10.01
N LEU B 106 4.52 34.38 10.92
CA LEU B 106 4.20 33.65 12.12
C LEU B 106 2.70 33.67 12.21
N LEU B 107 2.08 32.50 12.32
CA LEU B 107 0.63 32.42 12.49
C LEU B 107 0.29 32.08 13.92
N THR B 108 -0.51 32.93 14.54
CA THR B 108 -0.80 32.80 15.96
C THR B 108 -2.16 33.46 16.25
N ASP B 109 -2.62 33.42 17.50
CA ASP B 109 -3.89 34.09 17.81
C ASP B 109 -3.71 35.23 18.82
N SER B 110 -4.77 35.52 19.59
CA SER B 110 -4.78 36.64 20.55
C SER B 110 -4.27 36.24 21.92
N SER B 111 -4.04 34.95 22.14
CA SER B 111 -3.55 34.52 23.45
C SER B 111 -2.04 34.69 23.56
N PHE B 112 -1.40 35.07 22.45
CA PHE B 112 0.04 35.34 22.44
C PHE B 112 0.25 36.78 21.96
N GLU B 113 1.41 37.34 22.27
CA GLU B 113 1.70 38.72 21.90
C GLU B 113 2.38 38.83 20.54
N LYS B 114 1.63 39.26 19.52
CA LYS B 114 2.19 39.39 18.18
C LYS B 114 3.23 40.51 18.12
N LYS B 115 3.06 41.50 18.99
CA LYS B 115 3.98 42.62 19.07
C LYS B 115 5.40 42.15 19.52
N GLU B 116 5.45 41.04 20.25
CA GLU B 116 6.71 40.43 20.66
C GLU B 116 7.54 39.86 19.49
N TYR B 117 6.96 39.79 18.28
CA TYR B 117 7.58 39.11 17.13
C TYR B 117 7.43 39.87 15.80
N GLU B 118 6.66 40.95 15.81
CA GLU B 118 6.40 41.70 14.59
C GLU B 118 7.69 42.30 14.01
N HIS B 119 8.66 42.55 14.88
CA HIS B 119 9.93 43.16 14.45
C HIS B 119 10.81 42.21 13.61
N ILE B 120 10.58 40.91 13.72
CA ILE B 120 11.29 39.91 12.90
C ILE B 120 10.52 39.37 11.73
N VAL B 121 9.28 38.97 11.97
CA VAL B 121 8.50 38.31 10.93
C VAL B 121 7.13 38.94 10.81
N GLN B 122 6.61 39.03 9.59
CA GLN B 122 5.30 39.56 9.41
C GLN B 122 4.39 38.67 10.20
N THR B 123 3.49 39.27 10.95
CA THR B 123 2.68 38.50 11.88
C THR B 123 1.23 38.40 11.42
N ILE B 124 0.63 37.21 11.55
CA ILE B 124 -0.73 36.98 11.05
C ILE B 124 -1.61 36.33 12.11
N ASP B 125 -2.81 36.88 12.32
CA ASP B 125 -3.78 36.35 13.32
C ASP B 125 -4.77 35.34 12.70
N VAL B 126 -4.78 34.13 13.25
CA VAL B 126 -5.60 33.03 12.72
C VAL B 126 -7.08 33.42 12.60
N ASP B 127 -7.67 33.87 13.71
CA ASP B 127 -9.09 34.19 13.74
C ASP B 127 -9.44 35.42 12.88
N GLU B 128 -8.60 36.45 12.92
CA GLU B 128 -8.82 37.62 12.09
C GLU B 128 -8.66 37.28 10.60
N LEU B 129 -7.84 36.27 10.33
CA LEU B 129 -7.57 35.83 8.96
C LEU B 129 -8.73 35.04 8.38
N MET B 130 -9.31 34.18 9.20
CA MET B 130 -10.41 33.33 8.79
C MET B 130 -11.62 34.15 8.29
N LYS B 131 -11.75 35.39 8.76
CA LYS B 131 -12.88 36.23 8.38
C LYS B 131 -12.68 36.93 7.02
N GLU B 132 -11.48 36.89 6.47
CA GLU B 132 -11.20 37.66 5.25
C GLU B 132 -11.68 36.97 3.97
N ALA B 133 -11.82 37.77 2.91
CA ALA B 133 -12.22 37.25 1.61
C ALA B 133 -11.03 37.22 0.68
N ALA B 134 -10.81 36.09 0.03
CA ALA B 134 -9.70 35.96 -0.91
C ALA B 134 -10.06 35.17 -2.17
N GLU B 135 -9.32 35.43 -3.24
CA GLU B 135 -9.42 34.67 -4.48
C GLU B 135 -9.10 33.19 -4.27
N ILE B 137 -7.22 30.63 -5.64
CA ILE B 137 -5.81 30.23 -5.78
C ILE B 137 -5.68 28.76 -6.19
N GLU B 138 -4.65 28.48 -6.98
CA GLU B 138 -4.37 27.11 -7.43
C GLU B 138 -3.41 26.36 -6.47
N ILE B 139 -3.96 25.47 -5.65
CA ILE B 139 -3.18 24.70 -4.68
C ILE B 139 -2.10 23.82 -5.33
N GLU B 140 -1.21 23.31 -4.47
CA GLU B 140 -0.26 22.28 -4.86
C GLU B 140 -0.94 20.92 -4.65
N ALA B 141 -1.27 20.24 -5.75
CA ALA B 141 -1.91 18.93 -5.64
C ALA B 141 -0.88 17.83 -5.32
N TYR B 142 0.39 18.10 -5.61
CA TYR B 142 1.44 17.14 -5.32
C TYR B 142 2.42 17.54 -4.22
N MET B 143 2.66 16.58 -3.35
CA MET B 143 3.72 16.65 -2.35
C MET B 143 4.97 15.97 -2.92
N GLN B 144 6.12 16.65 -2.87
CA GLN B 144 7.41 16.01 -3.17
C GLN B 144 7.90 15.27 -1.94
N MET B 145 8.28 14.00 -2.11
CA MET B 145 8.65 13.18 -0.97
C MET B 145 9.97 13.61 -0.34
N ASP B 146 10.73 14.44 -1.03
CA ASP B 146 12.05 14.82 -0.57
C ASP B 146 12.06 16.27 -0.06
N ALA B 147 11.02 17.03 -0.41
CA ALA B 147 10.88 18.42 0.04
C ALA B 147 10.62 18.44 1.52
N THR B 148 11.12 19.46 2.21
CA THR B 148 10.88 19.58 3.64
C THR B 148 9.42 19.96 3.81
N ALA B 149 8.78 19.35 4.80
CA ALA B 149 7.38 19.67 5.05
C ALA B 149 7.32 20.48 6.31
N THR B 150 8.11 20.02 7.24
CA THR B 150 7.99 20.46 8.60
C THR B 150 9.37 20.63 9.17
N LEU B 151 9.63 21.78 9.75
CA LEU B 151 10.91 22.04 10.40
C LEU B 151 10.66 22.11 11.88
N MET B 152 11.16 21.13 12.61
CA MET B 152 10.93 21.06 14.05
C MET B 152 12.26 21.12 14.81
N TYR B 153 12.29 21.88 15.91
CA TYR B 153 13.54 22.06 16.67
C TYR B 153 13.65 21.11 17.85
N THR B 154 14.89 20.74 18.15
CA THR B 154 15.22 19.81 19.21
C THR B 154 15.26 20.44 20.62
N SER B 155 16.21 21.35 20.83
CA SER B 155 16.58 21.90 22.15
C SER B 155 17.35 20.88 22.98
N THR B 158 22.96 18.53 24.41
CA THR B 158 21.98 19.60 24.27
C THR B 158 22.66 20.96 24.12
N GLY B 159 23.10 21.27 22.91
CA GLY B 159 23.63 22.60 22.61
C GLY B 159 22.53 23.54 22.13
N LYS B 160 22.89 24.43 21.23
CA LYS B 160 21.89 25.23 20.53
C LYS B 160 21.00 24.28 19.75
N PRO B 161 19.67 24.38 19.95
CA PRO B 161 18.69 23.56 19.25
C PRO B 161 18.93 23.53 17.75
N LYS B 162 19.02 22.33 17.21
CA LYS B 162 19.16 22.17 15.76
C LYS B 162 17.76 22.00 15.14
N GLY B 163 17.58 22.61 13.98
CA GLY B 163 16.31 22.52 13.29
C GLY B 163 16.25 21.33 12.35
N VAL B 164 15.49 20.32 12.77
CA VAL B 164 15.30 19.10 11.99
C VAL B 164 14.45 19.32 10.74
N GLN B 165 14.99 19.05 9.58
CA GLN B 165 14.21 19.10 8.36
C GLN B 165 13.48 17.78 8.14
N GLN B 166 12.19 17.75 8.48
CA GLN B 166 11.31 16.60 8.35
C GLN B 166 10.58 16.59 7.01
N THR B 167 10.95 15.67 6.12
CA THR B 167 10.32 15.63 4.80
C THR B 167 8.97 14.93 4.79
N PHE B 168 8.24 15.13 3.71
CA PHE B 168 6.96 14.46 3.51
C PHE B 168 7.16 12.95 3.56
N GLY B 169 8.15 12.49 2.78
CA GLY B 169 8.61 11.12 2.85
C GLY B 169 8.83 10.63 4.28
N ASN B 170 9.49 11.43 5.11
CA ASN B 170 9.82 10.94 6.45
C ASN B 170 8.54 10.63 7.16
N HIS B 171 7.61 11.58 7.07
CA HIS B 171 6.32 11.47 7.73
C HIS B 171 5.51 10.28 7.20
N TYR B 172 5.42 10.17 5.88
CA TYR B 172 4.76 9.01 5.27
C TYR B 172 5.32 7.71 5.82
N PHE B 173 6.63 7.48 5.71
CA PHE B 173 7.19 6.22 6.20
C PHE B 173 7.04 6.04 7.70
N SER B 174 6.97 7.14 8.44
CA SER B 174 6.72 7.03 9.86
C SER B 174 5.35 6.44 10.09
N ALA B 175 4.36 6.94 9.36
CA ALA B 175 2.97 6.51 9.55
C ALA B 175 2.80 5.09 9.04
N VAL B 176 3.38 4.82 7.87
CA VAL B 176 3.28 3.48 7.30
C VAL B 176 3.98 2.45 8.18
N SER B 177 5.13 2.79 8.76
CA SER B 177 5.83 1.82 9.61
C SER B 177 5.11 1.56 10.95
N SER B 178 4.45 2.58 11.49
CA SER B 178 3.64 2.42 12.70
C SER B 178 2.41 1.52 12.44
N ALA B 179 1.84 1.59 11.25
CA ALA B 179 0.74 0.71 10.86
C ALA B 179 1.18 -0.76 10.83
N LEU B 180 2.24 -1.04 10.06
CA LEU B 180 2.82 -2.38 10.02
C LEU B 180 3.04 -2.96 11.41
N ASN B 181 3.32 -2.07 12.36
CA ASN B 181 3.63 -2.47 13.72
C ASN B 181 2.41 -2.64 14.63
N LEU B 182 1.44 -1.73 14.55
CA LEU B 182 0.25 -1.78 15.39
C LEU B 182 -1.05 -2.19 14.65
N GLY B 183 -1.01 -2.27 13.32
CA GLY B 183 -2.20 -2.53 12.54
C GLY B 183 -3.14 -1.35 12.45
N ILE B 184 -3.92 -1.27 11.37
CA ILE B 184 -4.99 -0.27 11.17
C ILE B 184 -6.37 -0.92 11.06
N THR B 185 -7.41 -0.16 11.38
CA THR B 185 -8.80 -0.62 11.46
C THR B 185 -9.69 0.53 11.04
N GLU B 186 -10.80 0.26 10.37
CA GLU B 186 -11.65 1.37 9.91
C GLU B 186 -12.34 2.11 11.05
N GLN B 187 -12.42 1.50 12.22
CA GLN B 187 -13.05 2.15 13.35
C GLN B 187 -12.05 2.56 14.41
N ASP B 188 -10.77 2.52 14.06
CA ASP B 188 -9.70 3.04 14.93
C ASP B 188 -9.87 4.55 15.12
N ARG B 189 -9.63 5.01 16.35
CA ARG B 189 -9.70 6.43 16.65
C ARG B 189 -8.57 6.78 17.59
N TRP B 190 -7.79 7.81 17.27
CA TRP B 190 -6.59 8.12 18.04
C TRP B 190 -6.80 9.38 18.90
N LEU B 191 -6.50 9.29 20.20
CA LEU B 191 -6.65 10.45 21.07
C LEU B 191 -5.33 11.14 21.34
N ILE B 192 -5.35 12.45 21.18
CA ILE B 192 -4.17 13.28 21.39
C ILE B 192 -4.43 14.33 22.45
N ALA B 193 -3.84 14.11 23.63
CA ALA B 193 -3.96 15.06 24.73
C ALA B 193 -2.59 15.70 24.94
N LEU B 194 -1.78 15.63 23.89
CA LEU B 194 -0.39 16.11 23.91
C LEU B 194 -0.27 17.30 22.97
N PRO B 195 0.80 18.08 23.14
CA PRO B 195 0.87 19.23 22.22
C PRO B 195 1.22 18.81 20.78
N LEU B 196 0.56 19.43 19.81
CA LEU B 196 0.79 19.15 18.39
C LEU B 196 2.15 19.61 17.85
N PHE B 197 2.81 20.56 18.50
CA PHE B 197 4.10 21.00 18.00
C PHE B 197 5.19 20.01 18.42
N HIS B 198 4.87 19.15 19.37
CA HIS B 198 5.71 18.01 19.68
C HIS B 198 5.42 16.88 18.67
N ILE B 199 6.42 16.08 18.33
CA ILE B 199 6.26 15.15 17.20
C ILE B 199 5.23 14.03 17.47
N SER B 200 5.11 13.60 18.74
CA SER B 200 4.16 12.55 19.14
C SER B 200 2.74 12.91 18.71
N GLY B 201 2.48 14.21 18.63
CA GLY B 201 1.16 14.70 18.27
C GLY B 201 1.08 15.12 16.83
N LEU B 202 2.18 15.62 16.27
CA LEU B 202 2.16 16.00 14.86
C LEU B 202 2.01 14.74 14.02
N SER B 203 2.68 13.67 14.42
CA SER B 203 2.61 12.41 13.69
C SER B 203 1.15 11.95 13.53
N ALA B 204 0.36 12.03 14.60
CA ALA B 204 -1.05 11.67 14.53
C ALA B 204 -1.78 12.38 13.41
N LEU B 205 -1.48 13.66 13.19
CA LEU B 205 -2.13 14.41 12.11
C LEU B 205 -1.91 13.75 10.74
N PHE B 206 -0.69 13.29 10.50
CA PHE B 206 -0.32 12.66 9.23
C PHE B 206 -0.83 11.24 9.13
N LYS B 207 -0.81 10.53 10.27
CA LYS B 207 -1.40 9.21 10.38
C LYS B 207 -2.83 9.33 9.96
N SER B 208 -3.47 10.40 10.44
CA SER B 208 -4.88 10.61 10.21
C SER B 208 -5.23 10.66 8.71
N VAL B 209 -4.67 11.61 7.96
CA VAL B 209 -4.99 11.66 6.53
C VAL B 209 -4.54 10.42 5.77
N ILE B 210 -3.46 9.78 6.21
CA ILE B 210 -2.94 8.66 5.44
C ILE B 210 -3.81 7.41 5.69
N TYR B 211 -4.06 7.05 6.94
CA TYR B 211 -4.96 5.93 7.22
C TYR B 211 -6.44 6.22 6.86
N GLY B 212 -6.80 7.50 6.75
CA GLY B 212 -8.18 7.91 6.86
C GLY B 212 -8.77 7.61 8.23
N MET B 213 -8.05 8.04 9.28
CA MET B 213 -8.40 7.75 10.68
C MET B 213 -8.81 9.00 11.42
N THR B 214 -9.66 8.87 12.42
CA THR B 214 -10.14 10.01 13.20
C THR B 214 -9.21 10.36 14.36
N VAL B 215 -8.94 11.66 14.52
CA VAL B 215 -8.15 12.09 15.68
C VAL B 215 -8.99 12.89 16.67
N VAL B 216 -8.92 12.47 17.92
CA VAL B 216 -9.62 13.14 19.00
C VAL B 216 -8.69 14.11 19.70
N LEU B 217 -8.94 15.40 19.47
CA LEU B 217 -8.05 16.47 19.88
C LEU B 217 -8.47 17.18 21.17
N HIS B 218 -7.59 17.14 22.17
CA HIS B 218 -7.80 17.89 23.40
C HIS B 218 -6.72 18.93 23.63
N GLN B 219 -7.12 20.17 23.91
CA GLN B 219 -6.16 21.24 24.24
C GLN B 219 -5.15 20.81 25.30
N ARG B 220 -5.62 20.18 26.37
CA ARG B 220 -4.72 19.69 27.42
C ARG B 220 -5.21 18.37 28.02
N PHE B 221 -4.40 17.78 28.89
CA PHE B 221 -4.74 16.51 29.55
C PHE B 221 -5.53 16.68 30.85
N SER B 222 -6.85 16.59 30.75
CA SER B 222 -7.70 16.54 31.93
C SER B 222 -8.26 15.12 32.06
N VAL B 223 -8.02 14.49 33.20
CA VAL B 223 -8.43 13.11 33.40
C VAL B 223 -9.95 12.97 33.34
N SER B 224 -10.64 13.92 33.95
CA SER B 224 -12.10 13.94 33.95
C SER B 224 -12.64 14.11 32.53
N ASP B 225 -11.99 14.96 31.75
CA ASP B 225 -12.48 15.32 30.43
C ASP B 225 -11.85 14.45 29.32
N VAL B 226 -10.89 13.60 29.70
CA VAL B 226 -10.20 12.70 28.76
C VAL B 226 -10.75 11.28 28.84
N LEU B 227 -10.78 10.69 30.04
CA LEU B 227 -11.40 9.38 30.20
C LEU B 227 -12.92 9.45 29.89
N HIS B 228 -13.49 10.65 29.79
CA HIS B 228 -14.87 10.82 29.36
C HIS B 228 -15.03 10.77 27.83
N SER B 229 -14.13 11.45 27.10
CA SER B 229 -14.28 11.52 25.65
C SER B 229 -13.79 10.21 25.02
N ILE B 230 -13.01 9.45 25.77
CA ILE B 230 -12.67 8.10 25.36
C ILE B 230 -13.93 7.23 25.18
N ASN B 231 -14.96 7.51 25.96
CA ASN B 231 -16.20 6.73 25.89
C ASN B 231 -17.25 7.37 25.01
N ARG B 232 -17.36 8.69 25.05
CA ARG B 232 -18.31 9.38 24.18
C ARG B 232 -17.96 9.10 22.71
N HIS B 233 -16.68 8.90 22.44
CA HIS B 233 -16.18 8.86 21.07
C HIS B 233 -15.51 7.52 20.70
N GLU B 234 -15.34 6.65 21.69
CA GLU B 234 -14.81 5.29 21.47
C GLU B 234 -13.40 5.32 20.91
N VAL B 235 -12.50 5.92 21.69
CA VAL B 235 -11.10 5.97 21.36
C VAL B 235 -10.47 4.59 21.52
N THR B 236 -9.66 4.19 20.54
CA THR B 236 -8.98 2.92 20.60
C THR B 236 -7.49 3.13 20.76
N MET B 237 -7.02 4.29 20.29
CA MET B 237 -5.59 4.58 20.29
C MET B 237 -5.30 5.88 21.04
N ILE B 238 -4.31 5.82 21.92
CA ILE B 238 -3.94 7.00 22.69
C ILE B 238 -2.44 7.02 22.93
N SER B 239 -1.82 8.17 22.71
CA SER B 239 -0.38 8.30 22.94
C SER B 239 -0.10 9.31 24.07
N ALA B 240 0.79 8.91 24.99
CA ALA B 240 1.03 9.64 26.24
C ALA B 240 2.43 9.43 26.88
N VAL B 241 2.71 10.26 27.90
CA VAL B 241 3.93 10.15 28.70
C VAL B 241 3.52 9.62 30.07
N GLN B 242 4.52 9.28 30.89
CA GLN B 242 4.31 8.41 32.08
C GLN B 242 3.32 9.04 33.00
N THR B 243 3.39 10.38 33.00
CA THR B 243 2.62 11.23 33.89
C THR B 243 1.12 11.09 33.64
N MET B 244 0.74 11.05 32.37
CA MET B 244 -0.66 10.90 31.99
C MET B 244 -1.16 9.51 32.31
N LEU B 245 -0.27 8.56 32.11
CA LEU B 245 -0.52 7.16 32.36
C LEU B 245 -0.74 7.04 33.83
N ALA B 246 -0.01 7.83 34.60
CA ALA B 246 0.01 7.69 36.03
C ALA B 246 -1.41 7.83 36.50
N SER B 247 -2.18 8.61 35.79
CA SER B 247 -3.57 8.77 36.12
C SER B 247 -4.30 7.56 35.59
N LEU B 248 -4.14 6.47 36.32
CA LEU B 248 -4.99 5.31 36.18
C LEU B 248 -5.90 5.36 37.40
N LEU B 249 -6.58 6.50 37.57
CA LEU B 249 -7.44 6.69 38.70
C LEU B 249 -8.52 5.67 38.63
N GLU B 250 -9.08 5.45 37.46
CA GLU B 250 -10.02 4.38 37.27
C GLU B 250 -9.57 3.54 36.09
N GLU B 251 -9.31 2.25 36.29
CA GLU B 251 -9.33 1.62 37.59
C GLU B 251 -10.77 1.50 38.04
N ARG B 254 -10.29 -1.41 35.33
CA ARG B 254 -9.18 -1.53 34.39
C ARG B 254 -9.36 -0.59 33.20
N CYS B 255 -8.59 -0.81 32.14
CA CYS B 255 -8.66 0.01 30.94
C CYS B 255 -10.02 -0.14 30.26
N PRO B 256 -10.54 1.05 29.71
CA PRO B 256 -11.86 0.84 29.05
C PRO B 256 -11.80 -0.26 28.00
N GLU B 257 -12.96 -0.76 27.58
CA GLU B 257 -13.04 -1.82 26.59
C GLU B 257 -12.50 -1.30 25.27
N SER B 258 -12.74 -0.02 25.02
CA SER B 258 -12.42 0.64 23.76
C SER B 258 -10.93 0.66 23.41
N ILE B 259 -10.07 0.83 24.42
CA ILE B 259 -8.64 1.04 24.20
C ILE B 259 -7.85 -0.24 23.88
N ARG B 260 -7.21 -0.26 22.72
CA ARG B 260 -6.32 -1.37 22.37
C ARG B 260 -4.84 -1.00 22.41
N CYS B 261 -4.54 0.29 22.59
CA CYS B 261 -3.15 0.74 22.53
C CYS B 261 -2.84 2.10 23.16
N ILE B 262 -1.93 2.06 24.13
CA ILE B 262 -1.38 3.27 24.67
C ILE B 262 0.09 3.33 24.30
N LEU B 263 0.48 4.42 23.65
CA LEU B 263 1.87 4.56 23.18
C LEU B 263 2.66 5.55 24.06
N LEU B 264 3.82 5.11 24.58
CA LEU B 264 4.61 5.88 25.54
C LEU B 264 5.55 6.92 24.93
N PRO B 270 9.74 8.48 27.69
CA PRO B 270 10.78 7.99 28.60
C PRO B 270 10.58 6.50 28.98
N LEU B 271 11.62 5.86 29.52
CA LEU B 271 11.60 4.43 29.93
C LEU B 271 10.61 4.15 31.08
N PRO B 272 10.13 2.91 31.12
CA PRO B 272 9.04 2.49 32.01
C PRO B 272 9.42 2.54 33.46
N LEU B 273 8.44 2.78 34.33
CA LEU B 273 8.75 2.86 35.74
C LEU B 273 8.38 1.60 36.50
N LEU B 274 9.38 1.03 37.16
CA LEU B 274 9.16 0.04 38.19
C LEU B 274 8.36 -1.11 37.64
N GLU B 275 7.29 -1.48 38.32
CA GLU B 275 6.45 -2.54 37.80
C GLU B 275 5.00 -2.08 37.63
N GLU B 276 4.46 -2.39 36.46
CA GLU B 276 3.04 -2.27 36.24
C GLU B 276 2.41 -3.37 37.06
N CYS B 277 1.38 -2.99 37.76
CA CYS B 277 0.97 -1.57 37.62
C CYS B 277 1.01 -1.04 36.18
N ARG B 278 0.11 -1.56 35.33
CA ARG B 278 -0.82 -2.61 35.71
C ARG B 278 -1.07 -3.59 34.58
N GLU B 279 -0.85 -4.87 34.84
CA GLU B 279 -1.30 -5.89 33.92
C GLU B 279 -2.82 -5.76 33.82
N LYS B 280 -3.47 -5.49 34.95
CA LYS B 280 -4.91 -5.22 34.96
C LYS B 280 -5.20 -3.73 35.06
N GLY B 281 -5.59 -3.12 33.94
CA GLY B 281 -5.70 -3.81 32.67
C GLY B 281 -5.57 -2.92 31.43
N PHE B 282 -4.43 -2.25 31.30
CA PHE B 282 -4.17 -1.38 30.15
C PHE B 282 -3.05 -1.97 29.26
N PRO B 283 -3.25 -1.93 27.93
CA PRO B 283 -2.26 -2.38 26.93
C PRO B 283 -1.23 -1.29 26.59
N VAL B 284 -0.15 -1.21 27.34
CA VAL B 284 0.78 -0.10 27.20
C VAL B 284 1.98 -0.45 26.31
N PHE B 285 2.16 0.33 25.26
CA PHE B 285 3.31 0.16 24.38
C PHE B 285 4.44 1.11 24.75
N GLN B 286 5.58 0.55 25.14
CA GLN B 286 6.76 1.35 25.41
C GLN B 286 7.35 1.74 24.06
N SER B 287 8.11 2.83 24.02
CA SER B 287 8.59 3.38 22.75
C SER B 287 9.87 4.20 22.86
N TYR B 288 10.70 4.14 21.81
CA TYR B 288 11.88 4.97 21.70
C TYR B 288 11.85 5.71 20.38
N GLY B 289 11.83 7.03 20.45
CA GLY B 289 11.80 7.86 19.26
C GLY B 289 12.45 9.18 19.58
N MET B 290 12.57 10.02 18.56
CA MET B 290 13.15 11.32 18.73
C MET B 290 12.70 12.21 17.57
N THR B 291 12.80 13.52 17.74
CA THR B 291 12.48 14.46 16.67
C THR B 291 13.10 14.06 15.32
N GLU B 292 14.28 13.45 15.39
CA GLU B 292 15.01 13.12 14.17
C GLU B 292 14.40 11.90 13.46
N THR B 293 13.65 11.09 14.20
CA THR B 293 13.01 9.91 13.64
C THR B 293 11.49 10.08 13.46
N CYS B 294 11.03 11.32 13.53
CA CYS B 294 9.63 11.67 13.25
C CYS B 294 8.60 10.86 14.02
N SER B 295 8.96 10.56 15.28
CA SER B 295 8.18 9.84 16.30
C SER B 295 8.91 8.53 16.49
N GLN B 296 8.20 7.51 16.95
CA GLN B 296 8.82 6.25 17.33
C GLN B 296 9.60 5.58 16.19
N ILE B 297 10.67 4.89 16.56
CA ILE B 297 11.44 4.09 15.62
C ILE B 297 11.59 2.68 16.18
N VAL B 298 11.24 2.53 17.45
CA VAL B 298 11.42 1.27 18.16
C VAL B 298 10.30 1.10 19.18
N THR B 299 9.72 -0.09 19.26
CA THR B 299 8.59 -0.32 20.16
C THR B 299 8.61 -1.71 20.81
N LEU B 300 7.92 -1.80 21.95
CA LEU B 300 7.87 -2.99 22.78
C LEU B 300 6.41 -3.37 23.03
N SER B 301 5.93 -4.42 22.37
CA SER B 301 4.52 -4.83 22.50
C SER B 301 4.22 -5.39 23.90
N PRO B 302 3.03 -5.05 24.46
CA PRO B 302 2.62 -5.47 25.81
C PRO B 302 2.75 -6.98 26.06
N GLU B 303 2.88 -7.74 25.00
CA GLU B 303 3.03 -9.17 25.11
C GLU B 303 4.26 -9.45 25.95
N PHE B 304 5.26 -8.58 25.86
CA PHE B 304 6.45 -8.78 26.66
C PHE B 304 6.73 -7.53 27.46
N SER B 305 5.76 -7.13 28.27
CA SER B 305 5.93 -5.93 29.06
C SER B 305 7.09 -6.19 29.98
N MET B 306 7.16 -7.41 30.49
CA MET B 306 8.26 -7.79 31.36
C MET B 306 9.42 -8.35 30.56
N GLU B 307 10.10 -7.47 29.83
CA GLU B 307 11.41 -7.80 29.29
C GLU B 307 12.40 -6.99 30.09
N LYS B 308 12.30 -5.68 30.02
CA LYS B 308 13.11 -4.86 30.90
C LYS B 308 12.31 -4.55 32.14
N SER B 311 14.33 -3.33 26.77
CA SER B 311 13.35 -2.63 27.59
C SER B 311 12.57 -1.69 26.68
N ALA B 312 13.15 -1.38 25.53
CA ALA B 312 12.56 -0.41 24.60
C ALA B 312 11.88 -1.04 23.36
N GLY B 313 12.20 -2.30 23.06
CA GLY B 313 11.58 -3.00 21.94
C GLY B 313 12.53 -3.25 20.78
N LYS B 314 12.00 -3.64 19.61
CA LYS B 314 12.84 -3.88 18.42
C LYS B 314 12.61 -2.82 17.31
N PRO B 315 13.48 -2.81 16.28
CA PRO B 315 13.31 -1.75 15.27
C PRO B 315 12.01 -1.88 14.44
N LEU B 316 11.32 -0.79 14.16
CA LEU B 316 10.12 -0.83 13.33
C LEU B 316 10.46 -1.33 11.97
N PHE B 317 9.46 -1.75 11.21
CA PHE B 317 9.72 -2.29 9.89
C PHE B 317 10.24 -1.21 8.97
N SER B 318 11.31 -1.53 8.26
CA SER B 318 11.93 -0.58 7.36
C SER B 318 12.97 0.24 8.10
N CYS B 319 13.10 0.02 9.40
CA CYS B 319 14.07 0.74 10.17
C CYS B 319 15.14 -0.15 10.73
N GLU B 320 16.26 0.44 11.12
CA GLU B 320 17.43 -0.29 11.58
C GLU B 320 18.02 0.28 12.85
N ILE B 321 18.82 -0.52 13.54
CA ILE B 321 19.35 -0.19 14.86
C ILE B 321 20.69 -0.93 15.13
N LYS B 322 21.77 -0.18 15.38
CA LYS B 322 23.01 -0.80 15.86
C LYS B 322 23.57 -0.05 17.07
N ILE B 323 23.93 -0.81 18.11
CA ILE B 323 24.61 -0.25 19.27
C ILE B 323 26.11 -0.28 18.99
N GLU B 324 26.68 0.86 18.62
CA GLU B 324 28.12 0.92 18.33
C GLU B 324 28.83 1.88 19.28
N GLY B 327 34.74 2.97 16.73
CA GLY B 327 33.53 3.17 17.49
C GLY B 327 33.39 2.15 18.61
N GLN B 328 33.06 0.90 18.27
CA GLN B 328 32.60 0.46 16.94
C GLN B 328 31.52 -0.62 17.13
N VAL B 329 31.30 -1.48 16.12
CA VAL B 329 30.18 -2.45 16.13
C VAL B 329 30.24 -3.38 17.34
N CYS B 330 29.40 -3.12 18.33
CA CYS B 330 29.47 -3.79 19.63
C CYS B 330 28.81 -5.16 19.62
N GLU B 331 29.43 -6.13 20.30
CA GLU B 331 28.85 -7.47 20.45
C GLU B 331 27.57 -7.41 21.29
N PRO B 332 26.78 -8.49 21.28
CA PRO B 332 25.55 -8.52 22.09
C PRO B 332 25.80 -8.30 23.59
N TYR B 333 25.00 -7.43 24.16
CA TYR B 333 25.03 -7.15 25.57
C TYR B 333 26.13 -6.20 26.00
N GLU B 334 26.80 -5.56 25.06
CA GLU B 334 27.86 -4.61 25.42
C GLU B 334 27.60 -3.18 24.98
N HIS B 335 27.90 -2.25 25.86
CA HIS B 335 27.52 -0.85 25.71
C HIS B 335 28.17 -0.15 24.54
N GLY B 336 27.53 0.92 24.07
CA GLY B 336 27.96 1.67 22.91
C GLY B 336 27.00 2.78 22.53
N GLU B 337 27.33 3.50 21.46
CA GLU B 337 26.47 4.58 20.95
C GLU B 337 25.37 4.05 20.02
N ILE B 338 24.13 4.17 20.46
CA ILE B 338 22.96 3.86 19.62
C ILE B 338 22.99 4.60 18.28
N MET B 339 22.74 3.89 17.19
CA MET B 339 22.64 4.55 15.88
C MET B 339 21.35 4.09 15.13
N VAL B 340 20.59 5.03 14.60
CA VAL B 340 19.35 4.68 13.90
C VAL B 340 19.44 4.87 12.39
N LYS B 341 18.66 4.11 11.64
CA LYS B 341 18.63 4.23 10.18
C LYS B 341 17.22 3.90 9.72
N GLY B 342 16.80 4.45 8.60
CA GLY B 342 15.47 4.18 8.09
C GLY B 342 14.90 5.34 7.31
N PRO B 343 13.91 5.07 6.45
CA PRO B 343 13.33 6.12 5.61
C PRO B 343 12.48 7.10 6.40
N ASN B 344 12.27 6.83 7.67
CA ASN B 344 11.62 7.78 8.53
C ASN B 344 12.59 8.69 9.25
N VAL B 345 13.88 8.55 8.94
CA VAL B 345 14.90 9.39 9.56
C VAL B 345 15.30 10.54 8.64
N MET B 346 15.48 11.71 9.25
CA MET B 346 15.78 12.94 8.56
C MET B 346 17.08 12.89 7.78
N LYS B 347 17.11 13.43 6.58
CA LYS B 347 18.39 13.52 5.89
C LYS B 347 19.40 14.50 6.48
N SER B 348 18.93 15.67 6.90
CA SER B 348 19.82 16.74 7.32
C SER B 348 19.19 17.81 8.19
N TYR B 349 19.95 18.33 9.16
CA TYR B 349 19.53 19.45 9.98
C TYR B 349 19.60 20.71 9.15
N PHE B 350 18.80 21.71 9.48
CA PHE B 350 18.78 22.91 8.67
C PHE B 350 19.86 23.89 9.04
N ASN B 351 20.66 24.28 8.05
CA ASN B 351 21.75 25.22 8.29
C ASN B 351 22.73 24.73 9.34
N ARG B 352 22.99 23.44 9.34
CA ARG B 352 23.92 22.84 10.30
C ARG B 352 24.93 21.96 9.58
N GLU B 353 25.87 22.59 8.88
CA GLU B 353 26.89 21.85 8.15
C GLU B 353 27.80 21.03 9.07
N SER B 354 28.21 21.63 10.19
CA SER B 354 29.06 20.96 11.16
C SER B 354 28.36 19.76 11.79
N ALA B 355 27.08 19.93 12.09
CA ALA B 355 26.27 18.92 12.73
C ALA B 355 25.93 17.79 11.79
N ASN B 356 25.68 18.14 10.55
CA ASN B 356 25.36 17.16 9.56
C ASN B 356 26.53 16.22 9.37
N GLU B 357 27.73 16.76 9.25
CA GLU B 357 28.91 15.92 9.10
C GLU B 357 29.20 15.12 10.36
N ALA B 358 29.08 15.78 11.51
CA ALA B 358 29.28 15.10 12.78
C ALA B 358 28.22 14.02 13.01
N SER B 359 26.98 14.35 12.65
CA SER B 359 25.83 13.48 12.91
C SER B 359 25.82 12.13 12.19
N PHE B 360 26.25 12.11 10.93
CA PHE B 360 26.04 10.93 10.09
C PHE B 360 27.29 10.18 9.64
N GLN B 361 27.25 8.86 9.82
CA GLN B 361 28.28 7.95 9.31
C GLN B 361 27.68 6.98 8.30
N ASN B 362 27.91 7.23 7.02
CA ASN B 362 27.53 6.29 5.96
C ASN B 362 26.06 5.84 6.05
N GLY B 363 25.14 6.81 5.93
CA GLY B 363 23.71 6.53 6.00
C GLY B 363 23.08 6.50 7.39
N TRP B 364 23.89 6.29 8.42
CA TRP B 364 23.38 6.14 9.78
C TRP B 364 23.36 7.46 10.56
N LEU B 365 22.43 7.59 11.51
CA LEU B 365 22.37 8.77 12.35
C LEU B 365 22.87 8.48 13.77
N LYS B 366 23.93 9.19 14.17
CA LYS B 366 24.47 9.09 15.52
C LYS B 366 23.50 9.73 16.49
N THR B 367 22.91 8.95 17.39
CA THR B 367 21.83 9.45 18.23
C THR B 367 22.33 10.18 19.46
N GLY B 368 23.59 9.96 19.81
CA GLY B 368 24.10 10.40 21.09
C GLY B 368 23.33 9.81 22.26
N ASP B 369 23.21 8.49 22.30
CA ASP B 369 22.60 7.82 23.45
C ASP B 369 23.26 6.49 23.75
N LEU B 370 23.17 6.11 25.01
CA LEU B 370 23.88 4.95 25.48
C LEU B 370 22.93 3.77 25.51
N GLY B 371 23.33 2.69 24.86
CA GLY B 371 22.51 1.49 24.87
C GLY B 371 23.17 0.23 24.38
N TYR B 372 22.45 -0.87 24.56
CA TYR B 372 22.91 -2.15 24.05
C TYR B 372 21.73 -2.97 23.56
N LEU B 373 22.05 -4.03 22.80
CA LEU B 373 21.06 -4.99 22.37
C LEU B 373 21.28 -6.31 23.10
N ASP B 374 20.21 -6.90 23.63
CA ASP B 374 20.32 -8.19 24.30
C ASP B 374 20.54 -9.32 23.28
N ASN B 375 20.47 -10.56 23.74
CA ASN B 375 20.70 -11.74 22.90
C ASN B 375 19.67 -11.85 21.77
N GLU B 376 18.47 -11.32 21.99
CA GLU B 376 17.41 -11.37 20.98
C GLU B 376 17.24 -10.05 20.20
N GLY B 377 18.10 -9.07 20.49
CA GLY B 377 18.16 -7.83 19.76
C GLY B 377 17.25 -6.70 20.19
N PHE B 378 16.79 -6.70 21.44
CA PHE B 378 15.97 -5.61 21.99
C PHE B 378 16.82 -4.40 22.40
N LEU B 379 16.27 -3.20 22.25
CA LEU B 379 17.01 -2.00 22.62
C LEU B 379 16.87 -1.71 24.10
N TYR B 380 18.00 -1.32 24.69
CA TYR B 380 18.07 -0.91 26.09
C TYR B 380 18.72 0.44 26.22
N VAL B 381 17.91 1.48 26.41
CA VAL B 381 18.44 2.84 26.54
C VAL B 381 18.92 3.09 27.96
N LEU B 382 20.01 3.83 28.11
CA LEU B 382 20.63 4.03 29.42
C LEU B 382 20.70 5.51 29.86
N ASP B 383 20.42 5.75 31.13
CA ASP B 383 20.36 7.10 31.69
C ASP B 383 21.74 7.70 31.96
#